data_4L2D
#
_entry.id   4L2D
#
_cell.length_a   50.303
_cell.length_b   103.625
_cell.length_c   89.339
_cell.angle_alpha   90.00
_cell.angle_beta   103.68
_cell.angle_gamma   90.00
#
_symmetry.space_group_name_H-M   'P 1 21 1'
#
loop_
_entity.id
_entity.type
_entity.pdbx_description
1 polymer 'Superoxide dismutase [Fe]'
2 branched alpha-D-glucopyranose-(1-1)-alpha-D-glucopyranose
3 non-polymer 'FE (II) ION'
4 water water
#
_entity_poly.entity_id   1
_entity_poly.type   'polypeptide(L)'
_entity_poly.pdbx_seq_one_letter_code
;AFELPSLPYAIDALEPHISKETLEFHHGKHHNTYVVKLNGLIPGTKFENKSLEEIVCSSDGGVFNNAAQIWNHTFYWNSL
SPNGGGAPTGAVADAINAKWGSFDAFKEALNDKAVNNFGSSWTWLVKLADGSLDIVNTSNAATPLTDDGVTPILTVDLWE
HAYYIDYRNVRPDYLKGFWSLVNWEFANANFA
;
_entity_poly.pdbx_strand_id   A,C,B,D
#
loop_
_chem_comp.id
_chem_comp.type
_chem_comp.name
_chem_comp.formula
FE2 non-polymer 'FE (II) ION' 'Fe 2'
GLC D-saccharide, alpha linking alpha-D-glucopyranose 'C6 H12 O6'
#
# COMPACT_ATOMS: atom_id res chain seq x y z
N ALA A 1 -13.90 12.74 21.76
CA ALA A 1 -12.85 11.78 22.22
C ALA A 1 -13.59 10.49 22.50
N PHE A 2 -13.00 9.39 22.05
CA PHE A 2 -13.57 8.05 22.25
C PHE A 2 -13.43 7.66 23.70
N GLU A 3 -14.22 6.73 24.15
CA GLU A 3 -14.13 6.38 25.54
C GLU A 3 -14.14 4.89 25.65
N LEU A 4 -13.60 4.42 26.76
CA LEU A 4 -13.56 2.98 27.04
C LEU A 4 -14.97 2.51 27.42
N PRO A 5 -15.62 1.66 26.59
CA PRO A 5 -16.97 1.26 27.08
C PRO A 5 -16.87 0.48 28.40
N SER A 6 -17.91 0.46 29.26
CA SER A 6 -17.84 -0.35 30.53
C SER A 6 -17.85 -1.84 30.11
N LEU A 7 -17.45 -2.73 31.03
CA LEU A 7 -17.50 -4.16 30.78
C LEU A 7 -19.02 -4.52 30.85
N PRO A 8 -19.50 -5.45 29.98
CA PRO A 8 -20.95 -5.78 30.01
C PRO A 8 -21.33 -6.71 31.21
N TYR A 9 -20.37 -7.02 32.11
CA TYR A 9 -20.65 -7.90 33.24
C TYR A 9 -19.60 -7.57 34.32
N ALA A 10 -19.81 -8.01 35.56
CA ALA A 10 -18.84 -7.73 36.64
C ALA A 10 -17.44 -8.32 36.31
N ILE A 11 -16.34 -7.72 36.85
CA ILE A 11 -14.93 -8.20 36.53
C ILE A 11 -14.67 -9.59 37.01
N ASP A 12 -15.65 -10.01 37.78
CA ASP A 12 -15.80 -11.24 38.50
C ASP A 12 -16.48 -12.31 37.69
N ALA A 13 -17.29 -11.85 36.77
CA ALA A 13 -18.33 -12.64 36.18
C ALA A 13 -17.95 -13.81 35.29
N LEU A 14 -16.77 -13.80 34.68
CA LEU A 14 -16.39 -14.89 33.76
C LEU A 14 -15.63 -15.99 34.51
N GLU A 15 -15.48 -15.84 35.82
CA GLU A 15 -14.79 -16.91 36.54
C GLU A 15 -15.57 -18.21 36.52
N PRO A 16 -14.91 -19.37 36.54
CA PRO A 16 -13.47 -19.58 36.59
C PRO A 16 -12.85 -19.68 35.18
N HIS A 17 -13.48 -19.15 34.14
CA HIS A 17 -12.93 -19.35 32.77
C HIS A 17 -12.01 -18.22 32.37
N ILE A 18 -12.33 -17.01 32.78
CA ILE A 18 -11.39 -15.92 32.53
C ILE A 18 -11.40 -15.18 33.89
N SER A 19 -10.26 -14.99 34.50
CA SER A 19 -10.20 -14.43 35.87
C SER A 19 -10.39 -12.94 36.01
N LYS A 20 -10.66 -12.50 37.24
CA LYS A 20 -10.82 -11.07 37.54
C LYS A 20 -9.54 -10.28 37.14
N GLU A 21 -8.37 -10.88 37.40
CA GLU A 21 -7.13 -10.14 37.10
C GLU A 21 -7.00 -9.98 35.59
N THR A 22 -7.35 -11.04 34.84
CA THR A 22 -7.22 -10.87 33.36
C THR A 22 -8.10 -9.71 32.87
N LEU A 23 -9.32 -9.65 33.38
CA LEU A 23 -10.24 -8.60 32.96
C LEU A 23 -9.72 -7.22 33.38
N GLU A 24 -9.11 -7.20 34.56
CA GLU A 24 -8.55 -5.95 35.08
C GLU A 24 -7.48 -5.42 34.18
N PHE A 25 -6.61 -6.32 33.71
CA PHE A 25 -5.54 -5.88 32.80
C PHE A 25 -6.00 -5.77 31.36
N HIS A 26 -6.71 -6.78 30.90
CA HIS A 26 -7.10 -6.84 29.49
C HIS A 26 -8.05 -5.71 29.18
N HIS A 27 -9.09 -5.53 29.98
CA HIS A 27 -10.02 -4.42 29.71
C HIS A 27 -9.54 -3.06 30.29
N GLY A 28 -9.21 -3.10 31.58
CA GLY A 28 -8.81 -1.90 32.31
C GLY A 28 -7.54 -1.27 31.78
N LYS A 29 -6.54 -2.05 31.30
CA LYS A 29 -5.35 -1.45 30.75
C LYS A 29 -5.17 -1.63 29.25
N HIS A 30 -5.14 -2.87 28.72
CA HIS A 30 -4.90 -2.98 27.27
C HIS A 30 -5.91 -2.22 26.45
N HIS A 31 -7.19 -2.56 26.60
CA HIS A 31 -8.29 -1.87 25.86
C HIS A 31 -8.18 -0.33 26.00
N ASN A 32 -8.07 0.12 27.23
CA ASN A 32 -7.96 1.55 27.52
C ASN A 32 -6.81 2.27 26.81
N THR A 33 -5.68 1.59 26.73
CA THR A 33 -4.55 2.18 26.09
C THR A 33 -4.87 2.41 24.61
N TYR A 34 -5.61 1.51 23.96
CA TYR A 34 -5.84 1.81 22.55
C TYR A 34 -6.78 3.02 22.44
N VAL A 35 -7.68 3.17 23.42
CA VAL A 35 -8.59 4.32 23.45
C VAL A 35 -7.73 5.58 23.59
N VAL A 36 -6.91 5.61 24.62
CA VAL A 36 -6.02 6.72 24.84
C VAL A 36 -5.15 7.06 23.63
N LYS A 37 -4.47 6.07 23.09
CA LYS A 37 -3.57 6.34 21.99
C LYS A 37 -4.31 6.87 20.82
N LEU A 38 -5.50 6.32 20.58
CA LEU A 38 -6.27 6.79 19.44
C LEU A 38 -6.64 8.30 19.53
N ASN A 39 -7.15 8.65 20.71
CA ASN A 39 -7.57 9.98 21.02
C ASN A 39 -6.41 10.96 20.79
N GLY A 40 -5.19 10.48 21.10
CA GLY A 40 -4.01 11.29 20.93
C GLY A 40 -3.70 11.46 19.46
N LEU A 41 -3.96 10.43 18.65
CA LEU A 41 -3.64 10.49 17.23
C LEU A 41 -4.56 11.25 16.27
N ILE A 42 -5.84 11.38 16.62
CA ILE A 42 -6.82 11.99 15.73
C ILE A 42 -6.78 13.51 15.49
N PRO A 43 -6.49 14.31 16.54
CA PRO A 43 -6.43 15.77 16.30
C PRO A 43 -5.50 16.10 15.12
N GLY A 44 -5.88 17.13 14.37
CA GLY A 44 -5.07 17.46 13.20
C GLY A 44 -5.17 16.46 12.03
N THR A 45 -6.13 15.54 12.01
CA THR A 45 -6.21 14.57 10.87
C THR A 45 -7.62 14.56 10.28
N LYS A 46 -7.81 13.82 9.18
CA LYS A 46 -9.16 13.68 8.59
C LYS A 46 -10.03 12.73 9.43
N PHE A 47 -9.55 12.32 10.61
CA PHE A 47 -10.34 11.37 11.43
C PHE A 47 -10.95 12.10 12.60
N GLU A 48 -10.70 13.40 12.64
CA GLU A 48 -11.22 14.22 13.74
C GLU A 48 -12.67 14.00 14.21
N ASN A 49 -13.62 14.00 13.26
CA ASN A 49 -15.02 13.77 13.64
C ASN A 49 -15.73 12.48 13.19
N LYS A 50 -15.00 11.51 12.65
CA LYS A 50 -15.58 10.25 12.18
C LYS A 50 -15.87 9.29 13.33
N SER A 51 -16.86 8.38 13.18
CA SER A 51 -17.17 7.40 14.24
C SER A 51 -16.07 6.34 14.29
N LEU A 52 -15.99 5.60 15.40
CA LEU A 52 -14.93 4.58 15.51
C LEU A 52 -14.84 3.77 14.25
N GLU A 53 -16.00 3.24 13.88
CA GLU A 53 -16.07 2.36 12.71
C GLU A 53 -15.65 3.06 11.44
N GLU A 54 -16.04 4.31 11.28
CA GLU A 54 -15.62 5.05 10.07
C GLU A 54 -14.07 5.09 10.04
N ILE A 55 -13.44 5.32 11.17
CA ILE A 55 -11.98 5.39 11.14
C ILE A 55 -11.40 4.04 10.84
N VAL A 56 -11.87 2.99 11.56
CA VAL A 56 -11.24 1.72 11.29
C VAL A 56 -11.37 1.42 9.84
N CYS A 57 -12.49 1.83 9.22
CA CYS A 57 -12.69 1.56 7.82
C CYS A 57 -11.90 2.45 6.83
N SER A 58 -11.29 3.51 7.32
CA SER A 58 -10.55 4.38 6.39
C SER A 58 -9.11 4.73 6.71
N SER A 59 -8.58 4.13 7.78
CA SER A 59 -7.24 4.49 8.21
C SER A 59 -6.18 3.40 7.95
N ASP A 60 -4.93 3.72 8.27
CA ASP A 60 -3.83 2.73 8.25
C ASP A 60 -2.87 3.08 9.42
N GLY A 61 -1.65 2.55 9.38
CA GLY A 61 -0.70 2.88 10.44
C GLY A 61 -1.24 2.90 11.86
N GLY A 62 -0.78 3.87 12.66
CA GLY A 62 -1.12 3.98 14.07
C GLY A 62 -2.57 4.17 14.43
N VAL A 63 -3.25 5.05 13.69
CA VAL A 63 -4.67 5.30 13.87
C VAL A 63 -5.44 3.96 13.67
N PHE A 64 -5.16 3.23 12.58
CA PHE A 64 -5.81 1.94 12.37
C PHE A 64 -5.53 0.94 13.53
N ASN A 65 -4.26 0.67 13.86
CA ASN A 65 -4.03 -0.31 14.93
C ASN A 65 -4.80 0.05 16.21
N ASN A 66 -4.75 1.31 16.61
CA ASN A 66 -5.48 1.67 17.80
C ASN A 66 -6.99 1.65 17.61
N ALA A 67 -7.49 2.18 16.48
CA ALA A 67 -8.96 2.18 16.32
C ALA A 67 -9.54 0.77 16.24
N ALA A 68 -8.84 -0.08 15.50
CA ALA A 68 -9.34 -1.44 15.25
C ALA A 68 -9.24 -2.19 16.56
N GLN A 69 -8.14 -2.02 17.29
CA GLN A 69 -8.04 -2.73 18.56
C GLN A 69 -9.16 -2.32 19.51
N ILE A 70 -9.63 -1.08 19.45
CA ILE A 70 -10.72 -0.70 20.36
C ILE A 70 -11.97 -1.42 19.92
N TRP A 71 -12.30 -1.33 18.64
CA TRP A 71 -13.51 -1.99 18.16
C TRP A 71 -13.47 -3.50 18.46
N ASN A 72 -12.33 -4.14 18.16
CA ASN A 72 -12.18 -5.62 18.32
C ASN A 72 -12.38 -6.06 19.77
N HIS A 73 -11.77 -5.32 20.72
CA HIS A 73 -11.90 -5.65 22.12
C HIS A 73 -13.36 -5.43 22.54
N THR A 74 -13.98 -4.34 22.07
CA THR A 74 -15.39 -4.14 22.46
C THR A 74 -16.24 -5.31 21.95
N PHE A 75 -15.99 -5.73 20.72
CA PHE A 75 -16.73 -6.86 20.11
C PHE A 75 -16.45 -8.20 20.90
N TYR A 76 -15.20 -8.38 21.35
CA TYR A 76 -14.76 -9.56 22.11
C TYR A 76 -15.50 -9.68 23.47
N TRP A 77 -15.55 -8.59 24.23
CA TRP A 77 -16.23 -8.62 25.52
C TRP A 77 -17.68 -9.02 25.30
N ASN A 78 -18.28 -8.50 24.22
CA ASN A 78 -19.67 -8.81 23.92
C ASN A 78 -19.81 -10.30 23.53
N SER A 79 -18.74 -10.85 22.94
CA SER A 79 -18.76 -12.27 22.52
C SER A 79 -18.68 -13.26 23.69
N LEU A 80 -18.54 -12.77 24.95
CA LEU A 80 -18.45 -13.67 26.17
C LEU A 80 -19.64 -13.30 27.09
N SER A 81 -19.97 -14.15 28.07
CA SER A 81 -21.10 -13.83 28.97
C SER A 81 -21.14 -14.75 30.13
N PRO A 82 -21.55 -14.24 31.31
CA PRO A 82 -21.61 -15.15 32.46
C PRO A 82 -22.71 -16.15 32.17
N ASN A 83 -23.53 -15.83 31.19
CA ASN A 83 -24.64 -16.69 30.83
C ASN A 83 -24.58 -17.33 29.46
N GLY A 84 -23.38 -17.51 28.93
CA GLY A 84 -23.28 -18.03 27.60
C GLY A 84 -22.79 -19.46 27.71
N GLY A 85 -22.09 -19.89 26.66
CA GLY A 85 -21.53 -21.22 26.65
C GLY A 85 -22.48 -22.31 26.17
N GLY A 86 -21.99 -23.54 26.13
CA GLY A 86 -22.86 -24.65 25.78
C GLY A 86 -23.30 -24.60 24.36
N ALA A 87 -24.40 -25.30 24.09
CA ALA A 87 -24.94 -25.39 22.72
C ALA A 87 -25.41 -24.07 22.07
N PRO A 88 -25.10 -23.89 20.76
CA PRO A 88 -25.60 -22.65 20.13
C PRO A 88 -27.17 -22.81 20.03
N THR A 89 -27.88 -21.71 19.76
CA THR A 89 -29.33 -21.77 19.63
C THR A 89 -29.74 -20.91 18.42
N GLY A 90 -31.00 -20.99 18.04
CA GLY A 90 -31.48 -20.05 17.04
C GLY A 90 -30.86 -20.12 15.68
N ALA A 91 -30.94 -18.99 14.98
CA ALA A 91 -30.43 -18.86 13.62
C ALA A 91 -29.00 -19.31 13.57
N VAL A 92 -28.21 -18.96 14.59
CA VAL A 92 -26.80 -19.31 14.51
C VAL A 92 -26.51 -20.80 14.54
N ALA A 93 -27.15 -21.51 15.47
CA ALA A 93 -27.04 -22.97 15.57
C ALA A 93 -27.40 -23.61 14.18
N ASP A 94 -28.50 -23.19 13.56
CA ASP A 94 -28.90 -23.80 12.28
C ASP A 94 -27.89 -23.51 11.17
N ALA A 95 -27.37 -22.26 11.13
CA ALA A 95 -26.38 -21.92 10.06
C ALA A 95 -25.12 -22.70 10.33
N ILE A 96 -24.80 -22.93 11.62
CA ILE A 96 -23.59 -23.70 11.98
C ILE A 96 -23.78 -25.17 11.41
N ASN A 97 -24.94 -25.75 11.69
CA ASN A 97 -25.24 -27.07 11.12
C ASN A 97 -25.23 -27.02 9.57
N ALA A 98 -25.80 -25.98 9.01
CA ALA A 98 -25.78 -25.86 7.53
C ALA A 98 -24.41 -25.86 6.92
N LYS A 99 -23.46 -25.16 7.56
CA LYS A 99 -22.11 -25.04 7.02
C LYS A 99 -21.18 -26.19 7.32
N TRP A 100 -21.15 -26.61 8.60
CA TRP A 100 -20.29 -27.66 9.04
C TRP A 100 -20.94 -29.04 9.28
N GLY A 101 -22.28 -29.14 9.21
CA GLY A 101 -23.00 -30.42 9.47
C GLY A 101 -23.42 -30.67 10.95
N SER A 102 -22.59 -30.17 11.87
CA SER A 102 -22.82 -30.35 13.30
C SER A 102 -22.07 -29.29 14.11
N PHE A 103 -22.49 -29.09 15.36
CA PHE A 103 -21.85 -28.10 16.19
C PHE A 103 -20.42 -28.63 16.44
N ASP A 104 -20.27 -29.90 16.74
CA ASP A 104 -18.92 -30.38 17.07
C ASP A 104 -17.86 -30.16 15.99
N ALA A 105 -18.25 -30.32 14.71
CA ALA A 105 -17.32 -30.16 13.59
C ALA A 105 -16.92 -28.68 13.53
N PHE A 106 -17.89 -27.79 13.72
CA PHE A 106 -17.63 -26.33 13.71
C PHE A 106 -16.63 -26.01 14.83
N LYS A 107 -16.93 -26.52 16.04
CA LYS A 107 -16.02 -26.30 17.16
C LYS A 107 -14.63 -26.86 16.86
N GLU A 108 -14.51 -28.08 16.34
CA GLU A 108 -13.15 -28.53 16.07
C GLU A 108 -12.50 -27.63 14.99
N ALA A 109 -13.28 -27.13 14.02
CA ALA A 109 -12.64 -26.27 12.98
C ALA A 109 -12.16 -24.94 13.59
N LEU A 110 -12.96 -24.33 14.46
CA LEU A 110 -12.58 -23.04 15.05
C LEU A 110 -11.40 -23.21 15.98
N ASN A 111 -11.39 -24.28 16.82
CA ASN A 111 -10.26 -24.56 17.71
C ASN A 111 -8.99 -24.68 16.84
N ASP A 112 -9.07 -25.44 15.74
CA ASP A 112 -7.91 -25.64 14.88
C ASP A 112 -7.42 -24.31 14.28
N LYS A 113 -8.35 -23.47 13.79
CA LYS A 113 -7.96 -22.17 13.25
C LYS A 113 -7.30 -21.34 14.39
N ALA A 114 -7.94 -21.39 15.56
CA ALA A 114 -7.47 -20.60 16.70
C ALA A 114 -6.10 -21.02 17.20
N VAL A 115 -5.86 -22.32 17.48
CA VAL A 115 -4.55 -22.70 18.06
C VAL A 115 -3.42 -22.44 17.09
N ASN A 116 -3.72 -22.47 15.78
CA ASN A 116 -2.70 -22.25 14.79
C ASN A 116 -2.55 -20.86 14.25
N ASN A 117 -3.29 -19.94 14.88
CA ASN A 117 -3.25 -18.56 14.50
C ASN A 117 -1.93 -18.01 15.15
N PHE A 118 -0.85 -18.08 14.38
CA PHE A 118 0.46 -17.68 14.89
C PHE A 118 0.62 -16.22 15.27
N GLY A 119 1.15 -16.00 16.47
CA GLY A 119 1.41 -14.61 16.91
C GLY A 119 0.15 -13.94 17.47
N SER A 120 0.15 -12.63 17.65
CA SER A 120 -1.00 -11.95 18.23
C SER A 120 -2.02 -11.92 17.07
N SER A 121 -3.18 -12.45 17.36
CA SER A 121 -4.19 -12.59 16.32
C SER A 121 -5.55 -12.70 16.94
N TRP A 122 -6.55 -12.87 16.07
CA TRP A 122 -7.97 -13.00 16.43
C TRP A 122 -8.59 -14.07 15.52
N THR A 123 -9.47 -14.88 16.08
CA THR A 123 -10.15 -15.87 15.21
C THR A 123 -11.60 -15.42 15.30
N TRP A 124 -12.26 -15.41 14.13
CA TRP A 124 -13.62 -14.89 14.01
C TRP A 124 -14.66 -15.83 13.45
N LEU A 125 -15.91 -15.70 13.92
CA LEU A 125 -17.03 -16.38 13.31
C LEU A 125 -17.62 -15.19 12.53
N VAL A 126 -17.72 -15.32 11.21
CA VAL A 126 -18.25 -14.29 10.34
C VAL A 126 -19.38 -14.81 9.44
N LYS A 127 -20.26 -13.90 9.04
CA LYS A 127 -21.30 -14.27 8.11
C LYS A 127 -20.91 -13.66 6.76
N LEU A 128 -20.76 -14.51 5.73
CA LEU A 128 -20.39 -14.06 4.35
C LEU A 128 -21.54 -13.40 3.58
N ALA A 129 -21.16 -12.73 2.49
CA ALA A 129 -22.07 -12.06 1.59
C ALA A 129 -23.16 -13.05 1.19
N ASP A 130 -22.77 -14.27 0.86
CA ASP A 130 -23.71 -15.30 0.49
C ASP A 130 -24.57 -15.87 1.65
N GLY A 131 -24.56 -15.21 2.82
CA GLY A 131 -25.40 -15.66 3.95
C GLY A 131 -24.86 -16.85 4.73
N SER A 132 -23.78 -17.45 4.27
CA SER A 132 -23.20 -18.56 4.94
C SER A 132 -22.18 -18.22 6.09
N LEU A 133 -21.99 -19.09 7.07
CA LEU A 133 -20.99 -18.79 8.07
C LEU A 133 -19.58 -19.26 7.67
N ASP A 134 -18.54 -18.62 8.21
CA ASP A 134 -17.17 -19.08 7.99
C ASP A 134 -16.36 -18.69 9.20
N ILE A 135 -15.13 -19.22 9.26
CA ILE A 135 -14.19 -18.88 10.35
C ILE A 135 -12.98 -18.26 9.65
N VAL A 136 -12.62 -17.04 10.03
CA VAL A 136 -11.45 -16.38 9.39
C VAL A 136 -10.49 -15.91 10.47
N ASN A 137 -9.22 -15.89 10.14
CA ASN A 137 -8.21 -15.47 11.08
C ASN A 137 -7.65 -14.17 10.70
N THR A 138 -7.50 -13.28 11.67
CA THR A 138 -6.80 -12.02 11.36
C THR A 138 -5.54 -11.89 12.27
N SER A 139 -4.52 -11.15 11.80
CA SER A 139 -3.31 -10.89 12.61
C SER A 139 -3.29 -9.46 13.15
N ASN A 140 -2.72 -9.30 14.35
CA ASN A 140 -2.58 -8.00 15.04
C ASN A 140 -3.91 -7.25 15.24
N ALA A 141 -4.09 -6.12 14.55
CA ALA A 141 -5.36 -5.36 14.70
C ALA A 141 -6.31 -5.61 13.53
N ALA A 142 -5.89 -6.41 12.55
CA ALA A 142 -6.77 -6.59 11.39
C ALA A 142 -8.12 -7.17 11.81
N THR A 143 -9.16 -6.78 11.06
CA THR A 143 -10.52 -7.22 11.40
C THR A 143 -11.51 -7.34 10.23
N PRO A 144 -12.38 -8.41 10.23
CA PRO A 144 -13.32 -8.51 9.11
C PRO A 144 -14.28 -7.33 9.07
N LEU A 145 -14.27 -6.48 10.09
CA LEU A 145 -15.14 -5.34 10.00
C LEU A 145 -14.86 -4.55 8.70
N THR A 146 -13.63 -4.60 8.16
CA THR A 146 -13.32 -3.88 6.93
C THR A 146 -13.51 -4.74 5.65
N ASP A 147 -13.87 -6.02 5.82
CA ASP A 147 -14.05 -6.88 4.62
C ASP A 147 -15.45 -6.57 4.15
N ASP A 148 -15.54 -5.91 3.02
CA ASP A 148 -16.82 -5.51 2.47
C ASP A 148 -17.77 -6.68 2.31
N GLY A 149 -19.01 -6.48 2.75
CA GLY A 149 -19.97 -7.53 2.60
C GLY A 149 -19.87 -8.65 3.63
N VAL A 150 -18.84 -8.65 4.49
CA VAL A 150 -18.65 -9.68 5.53
C VAL A 150 -19.16 -9.17 6.90
N THR A 151 -19.99 -9.94 7.58
CA THR A 151 -20.51 -9.53 8.86
C THR A 151 -19.87 -10.27 10.07
N PRO A 152 -19.11 -9.53 10.95
CA PRO A 152 -18.50 -10.18 12.13
C PRO A 152 -19.65 -10.68 13.01
N ILE A 153 -19.55 -11.93 13.48
CA ILE A 153 -20.56 -12.52 14.38
C ILE A 153 -20.04 -12.71 15.83
N LEU A 154 -18.82 -13.21 15.97
CA LEU A 154 -18.21 -13.50 17.30
C LEU A 154 -16.65 -13.45 17.07
N THR A 155 -15.89 -13.22 18.12
CA THR A 155 -14.47 -13.23 17.96
C THR A 155 -13.79 -13.78 19.19
N VAL A 156 -12.61 -14.37 19.02
CA VAL A 156 -11.83 -14.75 20.20
C VAL A 156 -10.47 -14.11 20.05
N ASP A 157 -10.09 -13.39 21.10
CA ASP A 157 -8.83 -12.71 21.12
C ASP A 157 -7.75 -13.77 21.48
N LEU A 158 -6.72 -13.86 20.65
CA LEU A 158 -5.59 -14.74 20.81
C LEU A 158 -4.25 -14.05 21.07
N TRP A 159 -4.25 -12.75 21.25
CA TRP A 159 -3.05 -12.05 21.68
C TRP A 159 -2.78 -12.75 23.05
N GLU A 160 -1.50 -12.94 23.41
CA GLU A 160 -1.21 -13.63 24.67
C GLU A 160 -1.74 -13.00 25.94
N HIS A 161 -1.86 -11.68 25.99
CA HIS A 161 -2.38 -11.06 27.19
C HIS A 161 -3.75 -11.52 27.52
N ALA A 162 -4.46 -12.05 26.50
CA ALA A 162 -5.85 -12.51 26.70
C ALA A 162 -5.94 -13.72 27.61
N TYR A 163 -4.89 -14.54 27.63
CA TYR A 163 -5.00 -15.77 28.41
C TYR A 163 -3.78 -16.14 29.18
N TYR A 164 -2.71 -15.34 29.03
CA TYR A 164 -1.48 -15.80 29.70
C TYR A 164 -1.56 -15.88 31.23
N ILE A 165 -2.30 -14.97 31.84
CA ILE A 165 -2.34 -14.98 33.31
C ILE A 165 -3.02 -16.22 33.85
N ASP A 166 -4.07 -16.64 33.11
CA ASP A 166 -4.84 -17.80 33.53
C ASP A 166 -4.40 -19.07 32.92
N TYR A 167 -3.76 -19.05 31.75
CA TYR A 167 -3.41 -20.32 31.05
C TYR A 167 -1.97 -20.47 30.55
N ARG A 168 -1.16 -19.47 30.78
CA ARG A 168 0.24 -19.46 30.33
C ARG A 168 0.25 -19.80 28.88
N ASN A 169 0.99 -20.82 28.52
CA ASN A 169 1.10 -21.15 27.12
C ASN A 169 0.05 -22.05 26.50
N VAL A 170 -0.96 -22.50 27.27
CA VAL A 170 -1.83 -23.46 26.62
C VAL A 170 -3.21 -22.98 26.14
N ARG A 171 -3.15 -22.58 24.85
CA ARG A 171 -4.28 -22.05 24.14
C ARG A 171 -5.54 -22.94 24.20
N PRO A 172 -5.37 -24.29 24.12
CA PRO A 172 -6.59 -25.10 24.17
C PRO A 172 -7.41 -24.95 25.44
N ASP A 173 -6.70 -24.74 26.54
CA ASP A 173 -7.30 -24.58 27.88
C ASP A 173 -8.06 -23.26 27.85
N TYR A 174 -7.40 -22.27 27.27
CA TYR A 174 -8.05 -20.99 27.06
C TYR A 174 -9.31 -21.21 26.17
N LEU A 175 -9.14 -22.01 25.12
CA LEU A 175 -10.25 -22.14 24.18
C LEU A 175 -11.46 -22.81 24.89
N LYS A 176 -11.11 -23.64 25.86
CA LYS A 176 -12.08 -24.31 26.72
C LYS A 176 -12.90 -23.29 27.51
N GLY A 177 -12.19 -22.37 28.16
CA GLY A 177 -12.93 -21.33 28.85
C GLY A 177 -13.79 -20.56 27.83
N PHE A 178 -13.26 -20.27 26.63
CA PHE A 178 -14.05 -19.55 25.62
C PHE A 178 -15.37 -20.30 25.35
N TRP A 179 -15.31 -21.60 25.05
CA TRP A 179 -16.53 -22.30 24.80
C TRP A 179 -17.52 -22.33 25.99
N SER A 180 -17.02 -22.16 27.23
CA SER A 180 -17.97 -22.13 28.34
C SER A 180 -18.55 -20.71 28.53
N LEU A 181 -18.03 -19.74 27.75
CA LEU A 181 -18.52 -18.33 27.87
C LEU A 181 -19.19 -17.83 26.60
N VAL A 182 -19.03 -18.52 25.47
CA VAL A 182 -19.57 -17.97 24.15
C VAL A 182 -20.94 -17.29 24.31
N ASN A 183 -21.09 -16.09 23.79
CA ASN A 183 -22.35 -15.40 23.97
C ASN A 183 -23.24 -15.60 22.71
N TRP A 184 -24.00 -16.71 22.69
CA TRP A 184 -24.87 -16.99 21.53
C TRP A 184 -25.96 -15.95 21.27
N GLU A 185 -26.36 -15.19 22.29
CA GLU A 185 -27.35 -14.16 22.06
C GLU A 185 -26.72 -13.06 21.18
N PHE A 186 -25.48 -12.67 21.52
CA PHE A 186 -24.80 -11.65 20.76
C PHE A 186 -24.52 -12.21 19.34
N ALA A 187 -24.24 -13.51 19.25
CA ALA A 187 -23.98 -14.06 17.93
C ALA A 187 -25.27 -13.96 17.09
N ASN A 188 -26.39 -14.34 17.72
CA ASN A 188 -27.66 -14.35 17.00
C ASN A 188 -28.09 -12.92 16.65
N ALA A 189 -27.81 -11.94 17.53
CA ALA A 189 -28.17 -10.53 17.18
C ALA A 189 -27.30 -10.07 15.99
N ASN A 190 -26.04 -10.49 15.91
CA ASN A 190 -25.20 -10.01 14.79
C ASN A 190 -25.63 -10.69 13.55
N PHE A 191 -26.16 -11.90 13.73
CA PHE A 191 -26.50 -12.71 12.56
C PHE A 191 -27.76 -12.27 11.88
N ALA A 192 -28.72 -11.78 12.69
CA ALA A 192 -30.06 -11.35 12.25
C ALA A 192 -30.29 -9.93 11.68
N ALA B 1 14.13 -11.76 -26.72
CA ALA B 1 13.02 -11.04 -26.10
C ALA B 1 13.67 -9.93 -25.32
N PHE B 2 13.06 -8.75 -25.34
CA PHE B 2 13.58 -7.59 -24.59
C PHE B 2 13.48 -7.86 -23.10
N GLU B 3 14.18 -7.07 -22.30
CA GLU B 3 14.16 -7.34 -20.86
C GLU B 3 14.01 -6.05 -20.11
N LEU B 4 13.50 -6.11 -18.90
CA LEU B 4 13.37 -4.90 -18.10
C LEU B 4 14.76 -4.66 -17.45
N PRO B 5 15.46 -3.58 -17.80
CA PRO B 5 16.78 -3.34 -17.18
C PRO B 5 16.57 -3.02 -15.71
N SER B 6 17.51 -3.43 -14.83
CA SER B 6 17.40 -3.13 -13.40
C SER B 6 17.45 -1.59 -13.31
N LEU B 7 16.99 -1.07 -12.17
CA LEU B 7 16.99 0.36 -11.93
C LEU B 7 18.47 0.66 -11.67
N PRO B 8 18.95 1.85 -12.07
CA PRO B 8 20.40 2.05 -11.81
C PRO B 8 20.79 2.41 -10.37
N TYR B 9 19.82 2.27 -9.43
CA TYR B 9 20.07 2.62 -8.03
C TYR B 9 19.00 1.96 -7.13
N ALA B 10 19.25 1.93 -5.83
CA ALA B 10 18.27 1.33 -4.90
C ALA B 10 16.89 2.05 -5.04
N ILE B 11 15.78 1.31 -4.83
CA ILE B 11 14.32 1.72 -4.96
C ILE B 11 13.99 2.93 -4.06
N ASP B 12 14.93 3.04 -3.17
CA ASP B 12 15.09 3.98 -2.09
C ASP B 12 15.86 5.29 -2.38
N ALA B 13 16.75 5.15 -3.34
CA ALA B 13 17.78 6.16 -3.59
C ALA B 13 17.36 7.51 -4.04
N LEU B 14 16.14 7.66 -4.54
CA LEU B 14 15.76 8.97 -5.01
C LEU B 14 14.98 9.80 -3.94
N GLU B 15 14.65 9.19 -2.78
CA GLU B 15 13.92 9.87 -1.69
C GLU B 15 14.77 11.02 -1.22
N PRO B 16 14.16 12.18 -0.83
CA PRO B 16 12.71 12.41 -0.82
C PRO B 16 12.21 13.15 -2.09
N HIS B 17 12.81 12.97 -3.25
CA HIS B 17 12.35 13.73 -4.45
C HIS B 17 11.40 12.85 -5.27
N ILE B 18 11.67 11.55 -5.23
CA ILE B 18 10.84 10.55 -5.90
C ILE B 18 10.83 9.32 -4.92
N SER B 19 9.63 8.95 -4.45
CA SER B 19 9.46 7.89 -3.43
C SER B 19 9.72 6.52 -3.87
N LYS B 20 9.95 5.62 -2.93
CA LYS B 20 10.12 4.18 -3.21
C LYS B 20 8.85 3.65 -3.94
N GLU B 21 7.68 4.09 -3.46
CA GLU B 21 6.46 3.60 -4.04
C GLU B 21 6.37 4.05 -5.49
N THR B 22 6.68 5.31 -5.76
CA THR B 22 6.59 5.69 -7.21
C THR B 22 7.48 4.78 -8.08
N LEU B 23 8.70 4.48 -7.59
CA LEU B 23 9.59 3.65 -8.42
C LEU B 23 9.10 2.23 -8.60
N GLU B 24 8.47 1.70 -7.54
CA GLU B 24 7.89 0.33 -7.65
C GLU B 24 6.82 0.27 -8.76
N PHE B 25 5.93 1.25 -8.82
CA PHE B 25 4.91 1.24 -9.87
C PHE B 25 5.51 1.69 -11.17
N HIS B 26 6.23 2.83 -11.16
CA HIS B 26 6.74 3.39 -12.43
C HIS B 26 7.69 2.42 -13.12
N HIS B 27 8.69 1.94 -12.37
CA HIS B 27 9.65 1.00 -12.95
C HIS B 27 9.10 -0.46 -12.97
N GLY B 28 8.76 -0.99 -11.79
CA GLY B 28 8.27 -2.37 -11.74
C GLY B 28 6.99 -2.69 -12.47
N LYS B 29 6.04 -1.75 -12.53
CA LYS B 29 4.85 -2.03 -13.29
C LYS B 29 4.72 -1.31 -14.62
N HIS B 30 4.79 0.02 -14.68
CA HIS B 30 4.60 0.64 -16.00
C HIS B 30 5.65 0.29 -17.06
N HIS B 31 6.93 0.37 -16.66
CA HIS B 31 8.08 0.12 -17.54
C HIS B 31 8.00 -1.33 -18.00
N ASN B 32 7.79 -2.21 -17.05
CA ASN B 32 7.66 -3.62 -17.35
C ASN B 32 6.58 -3.97 -18.38
N THR B 33 5.41 -3.40 -18.18
CA THR B 33 4.32 -3.68 -19.04
C THR B 33 4.68 -3.33 -20.48
N TYR B 34 5.49 -2.29 -20.71
CA TYR B 34 5.78 -1.95 -22.13
C TYR B 34 6.64 -3.03 -22.73
N VAL B 35 7.48 -3.59 -21.88
CA VAL B 35 8.39 -4.65 -22.23
C VAL B 35 7.58 -5.89 -22.57
N VAL B 36 6.63 -6.27 -21.71
CA VAL B 36 5.82 -7.45 -22.02
C VAL B 36 4.98 -7.26 -23.31
N LYS B 37 4.36 -6.10 -23.51
CA LYS B 37 3.58 -5.88 -24.71
C LYS B 37 4.43 -5.85 -25.98
N LEU B 38 5.65 -5.31 -25.92
CA LEU B 38 6.51 -5.28 -27.13
C LEU B 38 6.84 -6.74 -27.58
N ASN B 39 7.16 -7.54 -26.57
CA ASN B 39 7.51 -8.91 -26.72
C ASN B 39 6.34 -9.67 -27.40
N GLY B 40 5.11 -9.32 -27.01
CA GLY B 40 3.94 -9.97 -27.57
C GLY B 40 3.75 -9.49 -28.99
N LEU B 41 4.14 -8.27 -29.31
CA LEU B 41 3.83 -7.85 -30.66
C LEU B 41 4.80 -8.21 -31.77
N ILE B 42 6.03 -8.55 -31.45
CA ILE B 42 7.05 -8.66 -32.46
C ILE B 42 7.12 -9.92 -33.33
N PRO B 43 6.88 -11.10 -32.76
CA PRO B 43 6.90 -12.35 -33.56
C PRO B 43 6.01 -12.21 -34.82
N GLY B 44 6.33 -12.95 -35.87
CA GLY B 44 5.53 -12.86 -37.08
C GLY B 44 5.60 -11.48 -37.72
N THR B 45 6.60 -10.67 -37.35
CA THR B 45 6.70 -9.35 -37.95
C THR B 45 8.12 -9.02 -38.38
N LYS B 46 8.22 -7.99 -39.20
CA LYS B 46 9.54 -7.53 -39.64
C LYS B 46 10.48 -7.13 -38.48
N PHE B 47 9.94 -6.98 -37.27
CA PHE B 47 10.76 -6.55 -36.14
C PHE B 47 11.39 -7.67 -35.35
N GLU B 48 11.13 -8.90 -35.74
CA GLU B 48 11.65 -10.04 -35.00
C GLU B 48 13.11 -10.07 -34.54
N ASN B 49 14.03 -9.68 -35.41
CA ASN B 49 15.41 -9.72 -34.92
C ASN B 49 16.12 -8.41 -34.62
N LYS B 50 15.41 -7.31 -34.86
CA LYS B 50 15.92 -5.95 -34.64
C LYS B 50 16.18 -5.53 -33.16
N SER B 51 17.10 -4.58 -32.97
CA SER B 51 17.46 -4.04 -31.64
C SER B 51 16.33 -3.10 -31.18
N LEU B 52 16.26 -2.83 -29.86
CA LEU B 52 15.18 -1.90 -29.44
C LEU B 52 15.18 -0.60 -30.28
N GLU B 53 16.35 -0.02 -30.46
CA GLU B 53 16.44 1.22 -31.19
C GLU B 53 16.06 0.99 -32.64
N GLU B 54 16.28 -0.21 -33.15
CA GLU B 54 15.88 -0.42 -34.55
C GLU B 54 14.37 -0.41 -34.70
N ILE B 55 13.71 -1.12 -33.83
CA ILE B 55 12.27 -1.15 -33.86
C ILE B 55 11.84 0.31 -33.65
N VAL B 56 12.37 0.94 -32.59
CA VAL B 56 11.90 2.30 -32.31
C VAL B 56 11.91 3.13 -33.59
N CYS B 57 13.02 3.06 -34.37
CA CYS B 57 13.12 3.92 -35.59
C CYS B 57 12.42 3.45 -36.85
N SER B 58 11.81 2.27 -36.81
CA SER B 58 11.16 1.71 -37.99
C SER B 58 9.69 1.31 -37.83
N SER B 59 9.06 1.61 -36.69
CA SER B 59 7.67 1.19 -36.52
C SER B 59 6.75 2.32 -36.29
N ASP B 60 5.45 2.00 -36.20
CA ASP B 60 4.42 2.96 -35.85
C ASP B 60 3.46 2.09 -35.05
N GLY B 61 2.23 2.59 -34.85
CA GLY B 61 1.22 1.85 -34.09
C GLY B 61 1.74 1.28 -32.77
N GLY B 62 1.15 0.18 -32.32
CA GLY B 62 1.54 -0.40 -31.05
C GLY B 62 2.97 -0.84 -30.89
N VAL B 63 3.62 -1.35 -31.94
CA VAL B 63 4.99 -1.77 -31.75
C VAL B 63 5.83 -0.53 -31.31
N PHE B 64 5.58 0.61 -31.99
CA PHE B 64 6.26 1.88 -31.67
C PHE B 64 5.90 2.40 -30.26
N ASN B 65 4.61 2.50 -29.93
CA ASN B 65 4.27 3.01 -28.59
C ASN B 65 5.00 2.25 -27.49
N ASN B 66 4.97 0.95 -27.66
CA ASN B 66 5.56 0.10 -26.67
C ASN B 66 7.08 0.14 -26.66
N ALA B 67 7.67 0.10 -27.86
CA ALA B 67 9.14 0.10 -27.99
C ALA B 67 9.73 1.42 -27.54
N ALA B 68 9.12 2.45 -28.05
CA ALA B 68 9.63 3.78 -27.72
C ALA B 68 9.44 4.06 -26.22
N GLN B 69 8.34 3.58 -25.61
CA GLN B 69 8.21 3.82 -24.16
C GLN B 69 9.26 3.03 -23.37
N ILE B 70 9.73 1.89 -23.88
CA ILE B 70 10.74 1.22 -23.09
C ILE B 70 12.02 2.04 -23.18
N TRP B 71 12.27 2.55 -24.38
CA TRP B 71 13.56 3.25 -24.57
C TRP B 71 13.56 4.52 -23.73
N ASN B 72 12.43 5.20 -23.76
CA ASN B 72 12.19 6.50 -23.05
C ASN B 72 12.32 6.34 -21.56
N HIS B 73 11.75 5.27 -21.04
CA HIS B 73 11.83 5.01 -19.60
C HIS B 73 13.26 4.65 -19.17
N THR B 74 13.97 3.87 -19.99
CA THR B 74 15.34 3.48 -19.57
C THR B 74 16.18 4.81 -19.53
N PHE B 75 15.97 5.65 -20.55
CA PHE B 75 16.67 6.94 -20.64
C PHE B 75 16.34 7.84 -19.41
N TYR B 76 15.04 7.96 -19.06
CA TYR B 76 14.59 8.72 -17.85
C TYR B 76 15.29 8.15 -16.55
N TRP B 77 15.29 6.84 -16.30
CA TRP B 77 15.94 6.39 -15.05
C TRP B 77 17.39 6.84 -15.01
N ASN B 78 18.08 6.80 -16.18
CA ASN B 78 19.50 7.21 -16.25
C ASN B 78 19.62 8.75 -16.09
N SER B 79 18.54 9.47 -16.42
CA SER B 79 18.59 10.95 -16.28
C SER B 79 18.50 11.43 -14.81
N LEU B 80 18.35 10.49 -13.87
CA LEU B 80 18.18 10.81 -12.41
C LEU B 80 19.30 10.10 -11.68
N SER B 81 19.47 10.37 -10.39
CA SER B 81 20.59 9.73 -9.70
C SER B 81 20.60 10.20 -8.29
N PRO B 82 20.94 9.32 -7.32
CA PRO B 82 20.98 9.71 -5.91
C PRO B 82 22.11 10.78 -5.72
N ASN B 83 23.00 10.85 -6.68
CA ASN B 83 24.07 11.79 -6.59
C ASN B 83 24.05 12.89 -7.60
N GLY B 84 22.92 13.16 -8.22
CA GLY B 84 22.88 14.21 -9.23
C GLY B 84 22.35 15.48 -8.57
N GLY B 85 21.63 16.29 -9.34
CA GLY B 85 21.17 17.54 -8.76
C GLY B 85 22.14 18.73 -8.82
N GLY B 86 21.65 19.93 -8.46
CA GLY B 86 22.51 21.10 -8.45
C GLY B 86 23.00 21.64 -9.82
N ALA B 87 24.06 22.44 -9.74
CA ALA B 87 24.62 23.09 -10.94
C ALA B 87 25.16 22.05 -11.94
N PRO B 88 25.01 22.32 -13.25
CA PRO B 88 25.53 21.44 -14.29
C PRO B 88 27.08 21.54 -14.21
N THR B 89 27.77 20.57 -14.80
CA THR B 89 29.22 20.61 -14.83
C THR B 89 29.72 20.25 -16.23
N GLY B 90 30.97 20.54 -16.48
CA GLY B 90 31.56 20.06 -17.69
C GLY B 90 31.02 20.65 -18.93
N ALA B 91 31.19 19.87 -20.00
CA ALA B 91 30.82 20.25 -21.35
C ALA B 91 29.38 20.71 -21.38
N VAL B 92 28.52 19.99 -20.67
CA VAL B 92 27.09 20.34 -20.65
C VAL B 92 26.76 21.71 -20.01
N ALA B 93 27.33 22.05 -18.87
CA ALA B 93 27.17 23.37 -18.28
C ALA B 93 27.61 24.48 -19.29
N ASP B 94 28.64 24.24 -20.09
CA ASP B 94 29.11 25.30 -21.03
C ASP B 94 28.15 25.48 -22.18
N ALA B 95 27.74 24.33 -22.76
CA ALA B 95 26.81 24.33 -23.87
C ALA B 95 25.53 25.04 -23.39
N ILE B 96 25.13 24.76 -22.16
CA ILE B 96 23.93 25.39 -21.64
C ILE B 96 24.16 26.93 -21.57
N ASN B 97 25.32 27.34 -21.02
CA ASN B 97 25.64 28.76 -20.93
C ASN B 97 25.73 29.34 -22.35
N ALA B 98 26.22 28.54 -23.28
CA ALA B 98 26.34 29.01 -24.64
C ALA B 98 24.99 29.25 -25.27
N LYS B 99 24.02 28.34 -25.00
CA LYS B 99 22.66 28.44 -25.54
C LYS B 99 21.76 29.46 -24.84
N TRP B 100 21.58 29.29 -23.53
CA TRP B 100 20.69 30.13 -22.76
C TRP B 100 21.34 31.34 -22.00
N GLY B 101 22.68 31.43 -21.94
CA GLY B 101 23.30 32.56 -21.24
C GLY B 101 23.70 32.23 -19.81
N SER B 102 22.84 31.47 -19.15
CA SER B 102 23.03 31.06 -17.75
C SER B 102 22.23 29.78 -17.46
N PHE B 103 22.65 29.04 -16.44
CA PHE B 103 21.95 27.84 -16.07
C PHE B 103 20.52 28.27 -15.64
N ASP B 104 20.38 29.35 -14.87
CA ASP B 104 19.03 29.72 -14.43
C ASP B 104 18.03 29.94 -15.57
N ALA B 105 18.49 30.60 -16.61
CA ALA B 105 17.56 30.83 -17.73
C ALA B 105 17.18 29.49 -18.40
N PHE B 106 18.14 28.58 -18.56
CA PHE B 106 17.85 27.23 -19.16
C PHE B 106 16.75 26.57 -18.28
N LYS B 107 17.02 26.56 -16.97
CA LYS B 107 16.08 25.92 -16.03
C LYS B 107 14.65 26.51 -16.13
N GLU B 108 14.57 27.83 -16.20
CA GLU B 108 13.29 28.50 -16.36
C GLU B 108 12.63 28.08 -17.72
N ALA B 109 13.46 28.07 -18.79
CA ALA B 109 12.91 27.65 -20.09
C ALA B 109 12.47 26.16 -20.04
N LEU B 110 13.23 25.32 -19.34
CA LEU B 110 12.86 23.88 -19.35
C LEU B 110 11.59 23.65 -18.53
N ASN B 111 11.50 24.34 -17.37
CA ASN B 111 10.33 24.21 -16.50
C ASN B 111 9.10 24.70 -17.25
N ASP B 112 9.17 25.86 -17.95
CA ASP B 112 8.01 26.36 -18.74
C ASP B 112 7.58 25.30 -19.76
N LYS B 113 8.53 24.75 -20.56
CA LYS B 113 8.20 23.72 -21.58
C LYS B 113 7.51 22.53 -20.87
N ALA B 114 8.11 22.09 -19.76
CA ALA B 114 7.55 20.93 -19.00
C ALA B 114 6.18 21.23 -18.34
N VAL B 115 6.01 22.38 -17.68
CA VAL B 115 4.69 22.53 -17.02
C VAL B 115 3.58 22.65 -18.07
N ASN B 116 3.93 23.20 -19.22
CA ASN B 116 2.96 23.38 -20.26
C ASN B 116 2.85 22.24 -21.24
N ASN B 117 3.57 21.14 -21.01
CA ASN B 117 3.57 20.06 -21.95
C ASN B 117 2.21 19.29 -21.70
N PHE B 118 1.20 19.67 -22.50
CA PHE B 118 -0.15 19.13 -22.25
C PHE B 118 -0.38 17.65 -22.41
N GLY B 119 -0.92 17.02 -21.37
CA GLY B 119 -1.21 15.59 -21.47
C GLY B 119 0.01 14.73 -21.20
N SER B 120 -0.05 13.45 -21.57
CA SER B 120 1.01 12.48 -21.40
C SER B 120 2.09 12.92 -22.32
N SER B 121 3.29 13.15 -21.75
CA SER B 121 4.40 13.70 -22.50
C SER B 121 5.77 13.61 -21.86
N TRP B 122 6.78 14.13 -22.58
CA TRP B 122 8.18 14.12 -22.19
C TRP B 122 8.84 15.42 -22.54
N THR B 123 9.63 15.99 -21.66
CA THR B 123 10.31 17.22 -22.06
C THR B 123 11.80 16.77 -22.07
N TRP B 124 12.50 17.12 -23.14
CA TRP B 124 13.88 16.69 -23.38
C TRP B 124 14.92 17.79 -23.48
N LEU B 125 16.13 17.51 -23.02
CA LEU B 125 17.24 18.37 -23.31
C LEU B 125 17.86 17.55 -24.47
N VAL B 126 18.15 18.16 -25.63
CA VAL B 126 18.76 17.42 -26.77
C VAL B 126 19.91 18.28 -27.37
N LYS B 127 20.78 17.61 -28.12
CA LYS B 127 21.86 18.29 -28.81
C LYS B 127 21.56 18.17 -30.29
N LEU B 128 21.40 19.29 -30.96
CA LEU B 128 21.02 19.32 -32.39
C LEU B 128 22.16 18.93 -33.36
N ALA B 129 21.87 18.79 -34.67
CA ALA B 129 22.98 18.40 -35.53
C ALA B 129 23.99 19.54 -35.59
N ASP B 130 23.52 20.79 -35.37
CA ASP B 130 24.47 21.91 -35.46
C ASP B 130 25.33 22.12 -34.20
N GLY B 131 25.24 21.24 -33.20
CA GLY B 131 26.09 21.35 -32.02
C GLY B 131 25.40 21.96 -30.83
N SER B 132 24.43 22.81 -31.11
CA SER B 132 23.67 23.51 -30.06
C SER B 132 22.65 22.65 -29.28
N LEU B 133 22.45 23.02 -28.02
CA LEU B 133 21.45 22.37 -27.19
C LEU B 133 20.13 23.01 -27.42
N ASP B 134 19.07 22.22 -27.19
CA ASP B 134 17.74 22.75 -27.27
C ASP B 134 16.80 21.95 -26.37
N ILE B 135 15.60 22.52 -26.10
CA ILE B 135 14.58 21.82 -25.27
C ILE B 135 13.42 21.54 -26.21
N VAL B 136 12.95 20.29 -26.24
CA VAL B 136 11.80 19.91 -27.09
C VAL B 136 10.88 19.03 -26.29
N ASN B 137 9.60 19.15 -26.58
CA ASN B 137 8.60 18.33 -25.90
C ASN B 137 8.09 17.29 -26.88
N THR B 138 7.72 16.09 -26.40
CA THR B 138 7.05 15.13 -27.29
C THR B 138 5.74 14.63 -26.54
N SER B 139 4.75 14.06 -27.26
CA SER B 139 3.51 13.55 -26.63
C SER B 139 3.49 12.02 -26.64
N ASN B 140 2.96 11.44 -25.56
CA ASN B 140 2.80 9.99 -25.46
C ASN B 140 4.13 9.26 -25.53
N ALA B 141 4.38 8.48 -26.62
CA ALA B 141 5.62 7.75 -26.68
C ALA B 141 6.68 8.35 -27.61
N ALA B 142 6.32 9.43 -28.29
CA ALA B 142 7.20 10.05 -29.29
C ALA B 142 8.50 10.44 -28.64
N THR B 143 9.57 10.39 -29.39
CA THR B 143 10.86 10.66 -28.76
C THR B 143 11.89 11.23 -29.77
N PRO B 144 12.84 12.09 -29.35
CA PRO B 144 13.85 12.64 -30.31
C PRO B 144 14.79 11.63 -30.90
N LEU B 145 14.83 10.46 -30.28
CA LEU B 145 15.58 9.33 -30.74
C LEU B 145 15.27 9.14 -32.25
N THR B 146 14.04 9.36 -32.70
CA THR B 146 13.76 9.18 -34.12
C THR B 146 14.12 10.35 -35.06
N ASP B 147 14.52 11.51 -34.52
CA ASP B 147 14.92 12.66 -35.33
C ASP B 147 16.38 12.47 -35.70
N ASP B 148 16.69 12.47 -37.00
CA ASP B 148 18.09 12.26 -37.47
C ASP B 148 19.11 13.34 -37.03
N GLY B 149 20.30 12.94 -36.57
CA GLY B 149 21.27 13.94 -36.20
C GLY B 149 21.03 14.71 -34.89
N VAL B 150 19.86 14.49 -34.27
CA VAL B 150 19.47 15.08 -32.97
C VAL B 150 19.90 14.08 -31.88
N THR B 151 20.54 14.53 -30.82
CA THR B 151 21.00 13.59 -29.81
C THR B 151 20.35 13.76 -28.41
N PRO B 152 19.52 12.82 -27.98
CA PRO B 152 18.91 12.96 -26.65
C PRO B 152 19.98 13.09 -25.61
N ILE B 153 19.86 14.12 -24.77
CA ILE B 153 20.82 14.36 -23.65
C ILE B 153 20.19 13.98 -22.25
N LEU B 154 18.98 14.47 -21.96
CA LEU B 154 18.28 14.17 -20.65
C LEU B 154 16.76 14.23 -20.99
N THR B 155 15.95 13.55 -20.19
CA THR B 155 14.51 13.64 -20.35
C THR B 155 13.79 13.66 -18.98
N VAL B 156 12.59 14.26 -18.93
CA VAL B 156 11.79 14.15 -17.70
C VAL B 156 10.43 13.63 -18.18
N ASP B 157 9.93 12.65 -17.49
CA ASP B 157 8.66 12.05 -17.88
C ASP B 157 7.56 12.88 -17.23
N LEU B 158 6.59 13.34 -18.03
CA LEU B 158 5.52 14.15 -17.57
C LEU B 158 4.16 13.38 -17.60
N TRP B 159 4.19 12.08 -17.92
CA TRP B 159 3.00 11.26 -17.79
C TRP B 159 2.65 11.39 -16.28
N GLU B 160 1.36 11.54 -15.97
CA GLU B 160 0.98 11.74 -14.57
C GLU B 160 1.42 10.61 -13.62
N HIS B 161 1.57 9.36 -14.13
CA HIS B 161 2.04 8.27 -13.23
C HIS B 161 3.43 8.51 -12.74
N ALA B 162 4.13 9.43 -13.39
CA ALA B 162 5.50 9.67 -12.94
C ALA B 162 5.62 10.45 -11.65
N TYR B 163 4.61 11.22 -11.31
CA TYR B 163 4.65 12.08 -10.13
C TYR B 163 3.34 12.13 -9.33
N TYR B 164 2.25 11.50 -9.82
CA TYR B 164 0.97 11.69 -9.08
C TYR B 164 0.99 11.17 -7.66
N ILE B 165 1.70 10.09 -7.39
CA ILE B 165 1.73 9.56 -6.02
C ILE B 165 2.41 10.48 -5.03
N ASP B 166 3.42 11.19 -5.54
CA ASP B 166 4.20 12.05 -4.67
C ASP B 166 3.81 13.48 -4.69
N TYR B 167 3.23 13.95 -5.79
CA TYR B 167 2.97 15.38 -5.94
C TYR B 167 1.56 15.71 -6.47
N ARG B 168 0.73 14.67 -6.64
CA ARG B 168 -0.65 14.85 -7.15
C ARG B 168 -0.62 15.66 -8.39
N ASN B 169 -1.41 16.70 -8.39
CA ASN B 169 -1.50 17.59 -9.55
C ASN B 169 -0.40 18.65 -9.64
N VAL B 170 0.55 18.76 -8.73
CA VAL B 170 1.47 19.87 -8.87
C VAL B 170 2.83 19.60 -9.54
N ARG B 171 2.82 19.72 -10.87
CA ARG B 171 3.98 19.52 -11.69
C ARG B 171 5.13 20.36 -11.27
N PRO B 172 4.89 21.62 -10.88
CA PRO B 172 6.08 22.41 -10.47
C PRO B 172 6.85 21.78 -9.30
N ASP B 173 6.17 21.17 -8.34
CA ASP B 173 6.85 20.50 -7.20
C ASP B 173 7.59 19.25 -7.70
N TYR B 174 6.99 18.59 -8.68
CA TYR B 174 7.66 17.41 -9.26
C TYR B 174 8.98 17.89 -9.92
N LEU B 175 8.91 19.00 -10.65
CA LEU B 175 10.07 19.49 -11.37
C LEU B 175 11.20 19.90 -10.40
N LYS B 176 10.84 20.39 -9.22
CA LYS B 176 11.87 20.71 -8.23
C LYS B 176 12.55 19.40 -7.84
N GLY B 177 11.77 18.33 -7.65
CA GLY B 177 12.42 17.06 -7.34
C GLY B 177 13.35 16.64 -8.50
N PHE B 178 12.91 16.79 -9.75
CA PHE B 178 13.77 16.45 -10.90
C PHE B 178 15.07 17.26 -10.82
N TRP B 179 14.99 18.55 -10.51
CA TRP B 179 16.25 19.29 -10.48
C TRP B 179 17.19 18.82 -9.33
N SER B 180 16.65 18.23 -8.25
CA SER B 180 17.52 17.73 -7.17
C SER B 180 18.11 16.39 -7.51
N LEU B 181 17.62 15.82 -8.62
CA LEU B 181 18.09 14.52 -9.04
C LEU B 181 18.80 14.50 -10.41
N VAL B 182 18.79 15.61 -11.19
CA VAL B 182 19.37 15.55 -12.54
C VAL B 182 20.72 14.89 -12.54
N ASN B 183 20.93 13.95 -13.43
CA ASN B 183 22.20 13.23 -13.46
C ASN B 183 23.07 13.92 -14.51
N TRP B 184 23.94 14.84 -14.07
CA TRP B 184 24.76 15.55 -15.06
C TRP B 184 25.85 14.67 -15.70
N GLU B 185 26.28 13.59 -15.02
CA GLU B 185 27.27 12.73 -15.69
C GLU B 185 26.69 12.04 -16.91
N PHE B 186 25.43 11.59 -16.81
CA PHE B 186 24.79 10.94 -17.93
C PHE B 186 24.65 11.97 -19.03
N ALA B 187 24.31 13.22 -18.63
CA ALA B 187 24.11 14.25 -19.59
C ALA B 187 25.43 14.45 -20.36
N ASN B 188 26.55 14.56 -19.64
CA ASN B 188 27.84 14.79 -20.33
C ASN B 188 28.23 13.59 -21.19
N ALA B 189 27.97 12.37 -20.67
CA ALA B 189 28.32 11.14 -21.43
C ALA B 189 27.54 11.20 -22.72
N ASN B 190 26.28 11.68 -22.68
CA ASN B 190 25.46 11.74 -23.91
C ASN B 190 25.93 12.86 -24.85
N PHE B 191 26.44 13.97 -24.28
CA PHE B 191 26.86 15.12 -25.10
C PHE B 191 28.14 14.94 -25.95
N ALA B 192 29.09 14.28 -25.30
CA ALA B 192 30.42 13.98 -25.78
C ALA B 192 30.50 12.67 -26.60
N ALA C 1 17.41 -34.77 14.33
CA ALA C 1 16.35 -33.91 14.92
C ALA C 1 17.01 -32.72 15.64
N PHE C 2 16.31 -31.60 15.73
CA PHE C 2 16.90 -30.48 16.43
C PHE C 2 16.72 -30.62 17.95
N GLU C 3 17.53 -29.87 18.68
CA GLU C 3 17.42 -29.93 20.11
C GLU C 3 17.30 -28.62 20.83
N LEU C 4 16.63 -28.65 21.96
CA LEU C 4 16.47 -27.45 22.79
C LEU C 4 17.84 -27.09 23.38
N PRO C 5 18.41 -25.93 23.05
CA PRO C 5 19.73 -25.66 23.68
C PRO C 5 19.55 -25.48 25.16
N SER C 6 20.63 -25.67 25.93
CA SER C 6 20.51 -25.44 27.39
C SER C 6 20.53 -23.91 27.56
N LEU C 7 20.02 -23.44 28.68
CA LEU C 7 20.05 -22.00 28.95
C LEU C 7 21.60 -21.73 29.27
N PRO C 8 22.17 -20.56 28.85
CA PRO C 8 23.60 -20.30 29.14
C PRO C 8 23.90 -19.94 30.60
N TYR C 9 22.87 -19.97 31.43
CA TYR C 9 22.96 -19.63 32.83
C TYR C 9 21.89 -20.36 33.64
N ALA C 10 22.07 -20.34 34.97
CA ALA C 10 21.15 -20.96 35.93
C ALA C 10 19.76 -20.24 35.80
N ILE C 11 18.69 -20.99 36.10
CA ILE C 11 17.31 -20.53 35.95
C ILE C 11 17.00 -19.28 36.75
N ASP C 12 17.78 -19.02 37.79
CA ASP C 12 17.49 -17.82 38.55
C ASP C 12 18.54 -16.79 38.39
N ALA C 13 19.48 -17.04 37.47
CA ALA C 13 20.63 -16.14 37.20
C ALA C 13 20.23 -14.77 36.75
N LEU C 14 19.04 -14.65 36.17
CA LEU C 14 18.65 -13.31 35.67
C LEU C 14 17.74 -12.56 36.66
N GLU C 15 17.47 -13.14 37.83
CA GLU C 15 16.60 -12.46 38.82
C GLU C 15 17.38 -11.20 39.36
N PRO C 16 16.68 -10.11 39.70
CA PRO C 16 15.24 -10.03 39.62
C PRO C 16 14.72 -9.37 38.33
N HIS C 17 15.50 -9.42 37.24
CA HIS C 17 15.06 -8.83 35.98
C HIS C 17 14.13 -9.78 35.25
N ILE C 18 14.51 -11.02 35.10
CA ILE C 18 13.59 -11.96 34.50
C ILE C 18 13.55 -13.10 35.53
N SER C 19 12.32 -13.43 35.96
CA SER C 19 12.10 -14.42 36.95
C SER C 19 12.41 -15.85 36.52
N LYS C 20 12.65 -16.70 37.52
CA LYS C 20 12.89 -18.09 37.24
C LYS C 20 11.58 -18.63 36.56
N GLU C 21 10.42 -18.13 37.00
CA GLU C 21 9.18 -18.63 36.41
C GLU C 21 9.10 -18.33 34.91
N THR C 22 9.44 -17.10 34.54
CA THR C 22 9.43 -16.75 33.11
C THR C 22 10.40 -17.65 32.39
N LEU C 23 11.61 -17.82 32.94
CA LEU C 23 12.60 -18.71 32.25
C LEU C 23 12.05 -20.10 32.00
N GLU C 24 11.36 -20.66 33.01
CA GLU C 24 10.77 -22.00 32.93
C GLU C 24 9.72 -22.08 31.82
N PHE C 25 8.83 -21.09 31.75
CA PHE C 25 7.82 -21.14 30.67
C PHE C 25 8.41 -20.75 29.30
N HIS C 26 9.18 -19.69 29.28
CA HIS C 26 9.68 -19.22 28.00
C HIS C 26 10.66 -20.14 27.31
N HIS C 27 11.69 -20.54 28.05
CA HIS C 27 12.67 -21.46 27.52
C HIS C 27 12.17 -22.91 27.58
N GLY C 28 11.67 -23.32 28.75
CA GLY C 28 11.22 -24.69 28.91
C GLY C 28 9.97 -25.12 28.16
N LYS C 29 9.02 -24.22 27.88
CA LYS C 29 7.81 -24.56 27.14
C LYS C 29 7.78 -23.90 25.70
N HIS C 30 7.73 -22.56 25.60
CA HIS C 30 7.68 -21.92 24.24
C HIS C 30 8.85 -22.31 23.32
N HIS C 31 10.08 -22.06 23.77
CA HIS C 31 11.25 -22.35 22.96
C HIS C 31 11.17 -23.85 22.57
N ASN C 32 10.95 -24.68 23.57
CA ASN C 32 10.83 -26.10 23.37
C ASN C 32 9.85 -26.52 22.30
N THR C 33 8.64 -25.96 22.40
CA THR C 33 7.57 -26.24 21.49
C THR C 33 7.93 -25.97 20.04
N TYR C 34 8.74 -24.94 19.80
CA TYR C 34 9.20 -24.61 18.44
C TYR C 34 10.10 -25.75 17.95
N VAL C 35 11.01 -26.22 18.80
CA VAL C 35 11.90 -27.37 18.46
C VAL C 35 11.02 -28.59 18.10
N VAL C 36 10.11 -28.96 19.00
CA VAL C 36 9.23 -30.09 18.78
C VAL C 36 8.45 -29.96 17.51
N LYS C 37 7.88 -28.79 17.24
CA LYS C 37 7.12 -28.56 16.00
C LYS C 37 7.99 -28.74 14.79
N LEU C 38 9.15 -28.10 14.78
CA LEU C 38 10.01 -28.27 13.60
C LEU C 38 10.39 -29.80 13.41
N ASN C 39 10.78 -30.50 14.48
CA ASN C 39 11.13 -31.94 14.37
C ASN C 39 9.93 -32.68 13.75
N GLY C 40 8.72 -32.33 14.21
CA GLY C 40 7.52 -32.93 13.66
C GLY C 40 7.23 -32.55 12.23
N LEU C 41 7.85 -31.48 11.72
CA LEU C 41 7.57 -31.03 10.35
C LEU C 41 8.55 -31.43 9.26
N ILE C 42 9.81 -31.62 9.62
CA ILE C 42 10.78 -31.85 8.59
C ILE C 42 11.01 -33.31 8.18
N PRO C 43 10.44 -34.32 8.89
CA PRO C 43 10.72 -35.71 8.46
C PRO C 43 10.30 -36.06 7.06
N GLY C 44 11.23 -36.61 6.29
CA GLY C 44 10.92 -36.98 4.93
C GLY C 44 11.07 -35.83 3.95
N THR C 45 11.10 -34.58 4.41
CA THR C 45 11.22 -33.43 3.50
C THR C 45 12.65 -33.00 3.13
N LYS C 46 12.76 -32.05 2.21
CA LYS C 46 14.02 -31.45 1.77
C LYS C 46 14.83 -30.81 2.93
N PHE C 47 14.12 -30.33 3.96
CA PHE C 47 14.74 -29.66 5.09
C PHE C 47 15.38 -30.64 6.10
N GLU C 48 15.01 -31.91 5.94
CA GLU C 48 15.44 -32.95 6.84
C GLU C 48 16.90 -33.00 7.21
N ASN C 49 17.77 -32.68 6.27
CA ASN C 49 19.14 -32.75 6.68
C ASN C 49 19.88 -31.44 6.67
N LYS C 50 19.14 -30.36 6.69
CA LYS C 50 19.79 -29.07 6.71
C LYS C 50 20.08 -28.59 8.12
N SER C 51 20.91 -27.54 8.27
CA SER C 51 21.21 -26.97 9.61
C SER C 51 20.06 -26.04 9.85
N LEU C 52 19.90 -25.59 11.08
CA LEU C 52 18.81 -24.68 11.44
C LEU C 52 18.85 -23.42 10.61
N GLU C 53 20.04 -22.83 10.49
CA GLU C 53 20.15 -21.59 9.72
C GLU C 53 19.84 -21.86 8.26
N GLU C 54 20.20 -23.04 7.76
CA GLU C 54 19.88 -23.27 6.32
C GLU C 54 18.37 -23.34 6.16
N ILE C 55 17.70 -23.91 7.17
CA ILE C 55 16.24 -24.04 7.08
C ILE C 55 15.66 -22.63 7.13
N VAL C 56 16.02 -21.84 8.14
CA VAL C 56 15.46 -20.49 8.23
C VAL C 56 15.62 -19.65 6.95
N CYS C 57 16.79 -19.80 6.34
CA CYS C 57 17.08 -19.05 5.15
C CYS C 57 16.36 -19.62 3.91
N SER C 58 15.86 -20.86 3.99
CA SER C 58 15.19 -21.48 2.82
C SER C 58 13.77 -21.96 2.97
N SER C 59 12.97 -21.40 3.87
CA SER C 59 11.61 -21.94 3.98
C SER C 59 10.61 -20.83 4.18
N ASP C 60 9.33 -21.20 4.30
CA ASP C 60 8.23 -20.25 4.65
C ASP C 60 7.20 -21.03 5.39
N GLY C 61 5.99 -20.47 5.50
CA GLY C 61 4.93 -21.11 6.25
C GLY C 61 5.39 -21.58 7.63
N GLY C 62 4.83 -22.69 8.08
CA GLY C 62 5.14 -23.26 9.39
C GLY C 62 6.58 -23.69 9.63
N VAL C 63 7.25 -24.22 8.59
CA VAL C 63 8.60 -24.67 8.77
C VAL C 63 9.41 -23.42 9.17
N PHE C 64 9.25 -22.34 8.41
CA PHE C 64 9.95 -21.09 8.72
C PHE C 64 9.58 -20.51 10.12
N ASN C 65 8.29 -20.40 10.46
CA ASN C 65 7.86 -19.92 11.78
C ASN C 65 8.58 -20.67 12.92
N ASN C 66 8.62 -21.99 12.84
CA ASN C 66 9.31 -22.74 13.88
C ASN C 66 10.82 -22.66 13.86
N ALA C 67 11.46 -22.78 12.68
CA ALA C 67 12.94 -22.67 12.52
C ALA C 67 13.43 -21.32 13.01
N ALA C 68 12.89 -20.24 12.41
CA ALA C 68 13.25 -18.84 12.80
C ALA C 68 13.00 -18.71 14.31
N GLN C 69 11.87 -19.15 14.80
CA GLN C 69 11.65 -19.01 16.21
C GLN C 69 12.68 -19.73 17.13
N ILE C 70 13.14 -20.95 16.78
CA ILE C 70 14.14 -21.64 17.59
C ILE C 70 15.38 -20.80 17.50
N TRP C 71 15.67 -20.25 16.32
CA TRP C 71 16.88 -19.47 16.14
C TRP C 71 16.80 -18.13 16.92
N ASN C 72 15.70 -17.42 16.76
CA ASN C 72 15.50 -16.14 17.46
C ASN C 72 15.65 -16.29 19.00
N HIS C 73 15.02 -17.31 19.56
CA HIS C 73 15.07 -17.51 20.98
C HIS C 73 16.45 -17.91 21.46
N THR C 74 17.17 -18.73 20.69
CA THR C 74 18.52 -19.08 21.15
C THR C 74 19.41 -17.80 21.15
N PHE C 75 19.23 -16.95 20.15
CA PHE C 75 19.96 -15.69 20.05
C PHE C 75 19.63 -14.75 21.27
N TYR C 76 18.35 -14.81 21.62
CA TYR C 76 17.81 -14.03 22.71
C TYR C 76 18.38 -14.50 24.09
N TRP C 77 18.49 -15.82 24.34
CA TRP C 77 19.02 -16.19 25.65
C TRP C 77 20.45 -15.69 25.73
N ASN C 78 21.16 -15.69 24.58
CA ASN C 78 22.56 -15.26 24.51
C ASN C 78 22.71 -13.76 24.68
N SER C 79 21.62 -13.04 24.43
CA SER C 79 21.64 -11.58 24.48
C SER C 79 21.47 -10.99 25.90
N LEU C 80 21.30 -11.90 26.85
CA LEU C 80 21.09 -11.63 28.29
C LEU C 80 22.22 -12.40 29.02
N SER C 81 22.60 -11.87 30.19
CA SER C 81 23.58 -12.51 31.05
C SER C 81 23.45 -12.06 32.51
N PRO C 82 23.80 -12.95 33.46
CA PRO C 82 23.74 -12.58 34.88
C PRO C 82 24.92 -11.60 35.09
N ASN C 83 25.88 -11.58 34.17
CA ASN C 83 27.01 -10.68 34.30
C ASN C 83 26.95 -9.61 33.23
N GLY C 84 25.80 -9.32 32.62
CA GLY C 84 25.77 -8.26 31.62
C GLY C 84 25.19 -6.97 32.24
N GLY C 85 24.50 -6.19 31.41
CA GLY C 85 23.91 -4.97 31.90
C GLY C 85 24.85 -3.77 31.99
N GLY C 86 24.27 -2.64 32.35
CA GLY C 86 25.07 -1.46 32.49
C GLY C 86 25.63 -1.08 31.14
N ALA C 87 26.79 -0.44 31.16
CA ALA C 87 27.39 0.16 29.93
C ALA C 87 28.03 -0.69 28.88
N PRO C 88 27.83 -0.31 27.63
CA PRO C 88 28.46 -1.13 26.61
C PRO C 88 29.99 -0.98 26.72
N THR C 89 30.70 -2.00 26.26
CA THR C 89 32.13 -1.98 26.32
C THR C 89 32.71 -2.30 24.96
N GLY C 90 33.97 -1.96 24.74
CA GLY C 90 34.57 -2.37 23.49
C GLY C 90 34.08 -1.79 22.20
N ALA C 91 34.21 -2.58 21.13
CA ALA C 91 33.86 -2.24 19.77
C ALA C 91 32.44 -1.73 19.62
N VAL C 92 31.50 -2.43 20.27
CA VAL C 92 30.07 -2.11 20.21
C VAL C 92 29.82 -0.77 20.90
N ALA C 93 30.45 -0.52 22.05
CA ALA C 93 30.27 0.80 22.68
C ALA C 93 30.64 1.93 21.72
N ASP C 94 31.79 1.80 21.04
CA ASP C 94 32.23 2.82 20.13
C ASP C 94 31.32 2.93 18.93
N ALA C 95 30.82 1.81 18.35
CA ALA C 95 29.92 1.88 17.15
C ALA C 95 28.58 2.49 17.58
N ILE C 96 28.24 2.29 18.82
CA ILE C 96 26.99 2.84 19.31
C ILE C 96 27.15 4.37 19.30
N ASN C 97 28.28 4.85 19.80
CA ASN C 97 28.47 6.31 19.86
C ASN C 97 28.61 6.85 18.44
N ALA C 98 29.14 6.01 17.53
CA ALA C 98 29.31 6.48 16.17
C ALA C 98 27.97 6.71 15.53
N LYS C 99 27.02 5.81 15.79
CA LYS C 99 25.68 5.92 15.21
C LYS C 99 24.76 6.89 15.90
N TRP C 100 24.61 6.71 17.22
CA TRP C 100 23.68 7.55 17.98
C TRP C 100 24.23 8.71 18.81
N GLY C 101 25.55 8.97 18.75
CA GLY C 101 26.11 10.09 19.49
C GLY C 101 26.47 9.70 20.90
N SER C 102 25.65 8.84 21.54
CA SER C 102 25.91 8.42 22.92
C SER C 102 25.14 7.19 23.36
N PHE C 103 25.64 6.49 24.37
CA PHE C 103 24.91 5.29 24.76
C PHE C 103 23.48 5.61 25.13
N ASP C 104 23.30 6.71 25.88
CA ASP C 104 21.97 7.22 26.33
C ASP C 104 20.97 7.47 25.16
N ALA C 105 21.42 8.13 24.08
CA ALA C 105 20.56 8.36 22.90
C ALA C 105 20.22 6.96 22.28
N PHE C 106 21.18 6.06 22.23
CA PHE C 106 20.93 4.71 21.73
C PHE C 106 19.83 3.99 22.51
N LYS C 107 19.87 4.08 23.85
CA LYS C 107 18.85 3.39 24.68
C LYS C 107 17.47 3.95 24.36
N GLU C 108 17.39 5.27 24.28
CA GLU C 108 16.11 5.90 24.03
C GLU C 108 15.63 5.47 22.68
N ALA C 109 16.53 5.32 21.72
CA ALA C 109 16.01 4.91 20.41
C ALA C 109 15.56 3.47 20.39
N LEU C 110 16.25 2.60 21.11
CA LEU C 110 15.84 1.19 21.09
C LEU C 110 14.51 1.06 21.87
N ASN C 111 14.43 1.70 23.05
CA ASN C 111 13.22 1.65 23.86
C ASN C 111 12.06 2.08 23.03
N ASP C 112 12.29 3.19 22.32
CA ASP C 112 11.23 3.69 21.48
C ASP C 112 10.80 2.68 20.44
N LYS C 113 11.76 2.02 19.78
CA LYS C 113 11.41 1.05 18.73
C LYS C 113 10.66 -0.14 19.31
N ALA C 114 11.15 -0.57 20.47
CA ALA C 114 10.59 -1.73 21.14
C ALA C 114 9.19 -1.49 21.74
N VAL C 115 8.97 -0.36 22.44
CA VAL C 115 7.64 -0.12 22.99
C VAL C 115 6.58 0.02 21.88
N ASN C 116 6.93 0.57 20.73
CA ASN C 116 6.01 0.73 19.64
C ASN C 116 5.98 -0.45 18.61
N ASN C 117 6.71 -1.54 18.87
CA ASN C 117 6.78 -2.68 17.93
C ASN C 117 5.45 -3.42 18.18
N PHE C 118 4.44 -3.15 17.34
CA PHE C 118 3.08 -3.69 17.52
C PHE C 118 2.89 -5.22 17.38
N GLY C 119 2.19 -5.86 18.33
CA GLY C 119 1.93 -7.29 18.30
C GLY C 119 3.17 -8.14 18.67
N SER C 120 3.14 -9.42 18.32
CA SER C 120 4.29 -10.33 18.63
C SER C 120 5.42 -9.90 17.69
N SER C 121 6.57 -9.65 18.33
CA SER C 121 7.66 -9.05 17.56
C SER C 121 8.94 -9.08 18.30
N TRP C 122 9.98 -8.69 17.58
CA TRP C 122 11.35 -8.63 18.06
C TRP C 122 11.96 -7.33 17.58
N THR C 123 12.87 -6.76 18.41
CA THR C 123 13.59 -5.52 18.16
C THR C 123 15.06 -5.91 18.22
N TRP C 124 15.80 -5.60 17.17
CA TRP C 124 17.18 -6.03 17.08
C TRP C 124 18.19 -4.97 17.02
N LEU C 125 19.36 -5.21 17.62
CA LEU C 125 20.45 -4.27 17.36
C LEU C 125 21.14 -5.03 16.18
N VAL C 126 21.41 -4.36 15.07
CA VAL C 126 22.05 -5.05 13.95
C VAL C 126 23.26 -4.30 13.45
N LYS C 127 24.13 -5.02 12.73
CA LYS C 127 25.25 -4.39 12.06
C LYS C 127 24.90 -4.43 10.57
N LEU C 128 24.93 -3.29 9.94
CA LEU C 128 24.58 -3.20 8.52
C LEU C 128 25.83 -3.36 7.63
N ALA C 129 25.62 -3.44 6.31
CA ALA C 129 26.74 -3.67 5.36
C ALA C 129 27.84 -2.60 5.36
N ASP C 130 27.47 -1.32 5.58
CA ASP C 130 28.47 -0.22 5.65
C ASP C 130 29.25 -0.29 6.98
N GLY C 131 29.02 -1.35 7.77
CA GLY C 131 29.75 -1.51 9.06
C GLY C 131 29.07 -0.85 10.24
N SER C 132 28.11 0.05 10.00
CA SER C 132 27.39 0.76 11.07
C SER C 132 26.31 -0.06 11.81
N LEU C 133 25.84 0.44 12.96
CA LEU C 133 24.81 -0.25 13.72
C LEU C 133 23.52 0.44 13.46
N ASP C 134 22.44 -0.35 13.54
CA ASP C 134 21.12 0.18 13.43
C ASP C 134 20.17 -0.67 14.33
N ILE C 135 18.91 -0.25 14.46
CA ILE C 135 17.94 -1.01 15.26
C ILE C 135 16.87 -1.26 14.24
N VAL C 136 16.38 -2.51 14.18
CA VAL C 136 15.31 -2.86 13.27
C VAL C 136 14.31 -3.72 14.04
N ASN C 137 13.06 -3.66 13.61
CA ASN C 137 11.99 -4.39 14.24
C ASN C 137 11.51 -5.43 13.27
N THR C 138 11.30 -6.64 13.80
CA THR C 138 10.71 -7.69 12.97
C THR C 138 9.42 -8.17 13.70
N SER C 139 8.55 -8.69 12.88
CA SER C 139 7.25 -9.18 13.33
C SER C 139 7.18 -10.69 13.34
N ASN C 140 6.48 -11.16 14.38
CA ASN C 140 6.21 -12.57 14.64
C ASN C 140 7.49 -13.40 14.70
N ALA C 141 7.78 -14.22 13.68
CA ALA C 141 9.00 -15.03 13.61
C ALA C 141 10.13 -14.45 12.70
N ALA C 142 9.79 -13.45 11.89
CA ALA C 142 10.75 -12.80 11.01
C ALA C 142 12.06 -12.45 11.73
N THR C 143 13.19 -12.59 11.01
CA THR C 143 14.46 -12.29 11.66
C THR C 143 15.46 -11.65 10.68
N PRO C 144 16.32 -10.71 11.16
CA PRO C 144 17.27 -10.11 10.18
C PRO C 144 18.32 -11.10 9.68
N LEU C 145 18.37 -12.27 10.28
CA LEU C 145 19.31 -13.33 9.88
C LEU C 145 19.13 -13.50 8.35
N THR C 146 17.88 -13.42 7.89
CA THR C 146 17.64 -13.58 6.47
C THR C 146 17.88 -12.29 5.63
N ASP C 147 18.25 -11.15 6.23
CA ASP C 147 18.50 -9.96 5.41
C ASP C 147 19.98 -9.83 5.01
N ASP C 148 20.17 -9.73 3.70
CA ASP C 148 21.50 -9.60 3.09
C ASP C 148 22.25 -8.42 3.59
N GLY C 149 23.49 -8.62 3.98
CA GLY C 149 24.25 -7.48 4.45
C GLY C 149 23.88 -7.07 5.87
N VAL C 150 22.99 -7.84 6.53
CA VAL C 150 22.63 -7.44 7.91
C VAL C 150 22.98 -8.55 8.95
N THR C 151 23.81 -8.23 9.95
CA THR C 151 24.25 -9.18 10.98
C THR C 151 23.61 -8.89 12.39
N PRO C 152 22.81 -9.82 12.92
CA PRO C 152 22.16 -9.64 14.24
C PRO C 152 23.22 -9.48 15.34
N ILE C 153 22.99 -8.54 16.25
CA ILE C 153 23.99 -8.29 17.29
C ILE C 153 23.38 -8.62 18.67
N LEU C 154 22.12 -8.18 18.88
CA LEU C 154 21.43 -8.46 20.13
C LEU C 154 19.92 -8.41 19.74
N THR C 155 19.08 -9.10 20.50
CA THR C 155 17.66 -9.03 20.23
C THR C 155 16.92 -9.01 21.55
N VAL C 156 15.77 -8.35 21.55
CA VAL C 156 14.93 -8.36 22.75
C VAL C 156 13.56 -8.88 22.22
N ASP C 157 13.10 -9.95 22.87
CA ASP C 157 11.86 -10.60 22.51
C ASP C 157 10.73 -9.70 23.01
N LEU C 158 9.77 -9.35 22.11
CA LEU C 158 8.65 -8.55 22.56
C LEU C 158 7.32 -9.29 22.50
N TRP C 159 7.31 -10.59 22.13
CA TRP C 159 6.08 -11.40 22.23
C TRP C 159 5.70 -11.24 23.73
N GLU C 160 4.39 -11.16 24.04
CA GLU C 160 4.01 -10.95 25.43
C GLU C 160 4.43 -12.03 26.41
N HIS C 161 4.62 -13.25 25.95
CA HIS C 161 5.04 -14.31 26.90
C HIS C 161 6.42 -14.00 27.44
N ALA C 162 7.18 -13.14 26.75
CA ALA C 162 8.51 -12.82 27.22
C ALA C 162 8.52 -12.01 28.52
N TYR C 163 7.42 -11.28 28.80
CA TYR C 163 7.43 -10.43 29.96
C TYR C 163 6.16 -10.36 30.76
N TYR C 164 5.11 -11.01 30.29
CA TYR C 164 3.81 -10.86 30.97
C TYR C 164 3.77 -11.29 32.40
N ILE C 165 4.42 -12.42 32.64
CA ILE C 165 4.46 -12.97 34.01
C ILE C 165 5.14 -11.95 34.89
N ASP C 166 6.20 -11.31 34.43
CA ASP C 166 6.90 -10.41 35.32
C ASP C 166 6.50 -8.94 35.32
N TYR C 167 6.02 -8.46 34.15
CA TYR C 167 5.74 -7.05 33.96
C TYR C 167 4.32 -6.76 33.43
N ARG C 168 3.50 -7.80 33.26
CA ARG C 168 2.15 -7.70 32.72
C ARG C 168 2.20 -6.82 31.47
N ASN C 169 1.38 -5.78 31.41
CA ASN C 169 1.35 -4.97 30.20
C ASN C 169 2.44 -3.89 30.07
N VAL C 170 3.37 -3.73 31.01
CA VAL C 170 4.27 -2.59 30.97
C VAL C 170 5.65 -2.83 30.35
N ARG C 171 5.67 -2.75 29.02
CA ARG C 171 6.88 -2.91 28.26
C ARG C 171 8.06 -2.08 28.75
N PRO C 172 7.87 -0.77 29.10
CA PRO C 172 9.09 -0.05 29.55
C PRO C 172 9.79 -0.70 30.79
N ASP C 173 9.00 -1.30 31.71
CA ASP C 173 9.61 -1.93 32.89
C ASP C 173 10.39 -3.15 32.45
N TYR C 174 9.85 -3.86 31.48
CA TYR C 174 10.55 -5.03 30.97
C TYR C 174 11.83 -4.54 30.28
N LEU C 175 11.77 -3.41 29.51
CA LEU C 175 13.01 -2.99 28.84
C LEU C 175 14.06 -2.53 29.91
N LYS C 176 13.63 -1.98 31.04
CA LYS C 176 14.65 -1.63 32.06
C LYS C 176 15.30 -2.94 32.52
N GLY C 177 14.52 -4.02 32.66
CA GLY C 177 15.12 -5.30 33.05
C GLY C 177 16.15 -5.72 31.98
N PHE C 178 15.75 -5.60 30.73
CA PHE C 178 16.65 -5.98 29.64
C PHE C 178 18.02 -5.20 29.75
N TRP C 179 17.95 -3.90 30.03
CA TRP C 179 19.16 -3.11 30.09
C TRP C 179 20.08 -3.56 31.26
N SER C 180 19.49 -4.15 32.32
CA SER C 180 20.29 -4.63 33.44
C SER C 180 20.87 -5.99 33.15
N LEU C 181 20.46 -6.56 32.02
CA LEU C 181 20.92 -7.89 31.64
C LEU C 181 21.73 -8.04 30.35
N VAL C 182 21.63 -7.02 29.49
CA VAL C 182 22.24 -7.07 28.15
C VAL C 182 23.66 -7.57 28.20
N ASN C 183 23.91 -8.58 27.37
CA ASN C 183 25.19 -9.24 27.23
C ASN C 183 26.06 -8.56 26.16
N TRP C 184 26.89 -7.61 26.60
CA TRP C 184 27.82 -6.89 25.72
C TRP C 184 28.90 -7.82 25.18
N GLU C 185 29.25 -8.83 25.96
CA GLU C 185 30.20 -9.79 25.49
C GLU C 185 29.57 -10.50 24.29
N PHE C 186 28.31 -11.00 24.39
CA PHE C 186 27.74 -11.63 23.17
C PHE C 186 27.69 -10.58 21.98
N ALA C 187 27.25 -9.37 22.29
CA ALA C 187 27.17 -8.34 21.23
C ALA C 187 28.53 -8.04 20.59
N ASN C 188 29.60 -7.97 21.39
CA ASN C 188 30.91 -7.67 20.79
C ASN C 188 31.33 -8.88 19.96
N ALA C 189 31.04 -10.10 20.40
CA ALA C 189 31.40 -11.27 19.61
C ALA C 189 30.73 -11.25 18.21
N ASN C 190 29.47 -10.86 18.17
CA ASN C 190 28.68 -10.89 16.94
C ASN C 190 29.17 -9.83 16.02
N PHE C 191 29.63 -8.75 16.63
CA PHE C 191 30.12 -7.60 15.93
C PHE C 191 31.51 -7.77 15.26
N ALA C 192 32.43 -8.49 15.90
CA ALA C 192 33.79 -8.70 15.36
C ALA C 192 33.96 -9.98 14.51
N ALA D 1 -17.02 35.14 -17.24
CA ALA D 1 -16.07 34.17 -16.73
C ALA D 1 -16.87 32.91 -16.37
N PHE D 2 -16.31 31.74 -16.63
CA PHE D 2 -17.00 30.49 -16.30
C PHE D 2 -16.73 30.14 -14.86
N GLU D 3 -17.54 29.22 -14.33
CA GLU D 3 -17.39 28.78 -12.98
C GLU D 3 -17.29 27.29 -13.01
N LEU D 4 -16.75 26.77 -11.92
CA LEU D 4 -16.63 25.34 -11.74
C LEU D 4 -18.05 24.81 -11.38
N PRO D 5 -18.63 23.89 -12.15
CA PRO D 5 -19.96 23.49 -11.62
C PRO D 5 -19.87 22.70 -10.35
N SER D 6 -20.95 22.71 -9.56
CA SER D 6 -20.97 21.91 -8.35
C SER D 6 -20.93 20.45 -8.79
N LEU D 7 -20.44 19.60 -7.91
CA LEU D 7 -20.38 18.17 -8.22
C LEU D 7 -21.90 17.79 -8.12
N PRO D 8 -22.42 16.86 -8.98
CA PRO D 8 -23.86 16.57 -8.84
C PRO D 8 -24.22 15.70 -7.61
N TYR D 9 -23.29 15.36 -6.74
CA TYR D 9 -23.49 14.40 -5.61
C TYR D 9 -22.48 14.72 -4.51
N ALA D 10 -22.66 14.16 -3.32
CA ALA D 10 -21.74 14.35 -2.23
C ALA D 10 -20.33 13.85 -2.61
N ILE D 11 -19.29 14.40 -1.98
CA ILE D 11 -17.91 14.06 -2.28
C ILE D 11 -17.61 12.60 -1.96
N ASP D 12 -18.44 11.98 -1.12
CA ASP D 12 -18.24 10.57 -0.75
C ASP D 12 -19.30 9.68 -1.42
N ALA D 13 -20.15 10.29 -2.24
CA ALA D 13 -21.21 9.50 -2.91
C ALA D 13 -20.70 8.45 -3.86
N LEU D 14 -19.46 8.49 -4.32
CA LEU D 14 -19.10 7.44 -5.30
C LEU D 14 -18.28 6.32 -4.70
N GLU D 15 -18.02 6.44 -3.42
CA GLU D 15 -17.26 5.46 -2.67
C GLU D 15 -18.10 4.16 -2.71
N PRO D 16 -17.46 3.01 -2.77
CA PRO D 16 -16.03 2.74 -2.80
C PRO D 16 -15.47 2.68 -4.22
N HIS D 17 -16.19 3.16 -5.24
CA HIS D 17 -15.69 3.09 -6.61
C HIS D 17 -14.78 4.22 -6.98
N ILE D 18 -15.07 5.38 -6.47
CA ILE D 18 -14.24 6.52 -6.70
C ILE D 18 -14.22 7.16 -5.33
N SER D 19 -13.02 7.27 -4.79
CA SER D 19 -12.79 7.81 -3.50
C SER D 19 -13.03 9.33 -3.38
N LYS D 20 -13.42 9.72 -2.16
CA LYS D 20 -13.62 11.14 -1.81
C LYS D 20 -12.28 11.90 -2.20
N GLU D 21 -11.11 11.32 -1.89
CA GLU D 21 -9.89 12.03 -2.24
C GLU D 21 -9.74 12.29 -3.74
N THR D 22 -9.97 11.26 -4.55
CA THR D 22 -9.90 11.49 -6.00
C THR D 22 -10.84 12.62 -6.44
N LEU D 23 -12.08 12.62 -5.98
CA LEU D 23 -13.02 13.69 -6.42
C LEU D 23 -12.50 15.06 -5.99
N GLU D 24 -11.90 15.12 -4.79
CA GLU D 24 -11.36 16.41 -4.31
C GLU D 24 -10.24 16.88 -5.27
N PHE D 25 -9.29 16.02 -5.60
CA PHE D 25 -8.28 16.51 -6.53
C PHE D 25 -8.85 16.63 -7.93
N HIS D 26 -9.64 15.64 -8.35
CA HIS D 26 -10.10 15.63 -9.72
C HIS D 26 -11.07 16.74 -10.02
N HIS D 27 -12.10 16.87 -9.19
CA HIS D 27 -13.05 17.93 -9.39
C HIS D 27 -12.52 19.23 -8.84
N GLY D 28 -12.09 19.17 -7.58
CA GLY D 28 -11.65 20.41 -6.93
C GLY D 28 -10.38 21.06 -7.43
N LYS D 29 -9.44 20.29 -7.99
CA LYS D 29 -8.21 20.86 -8.49
C LYS D 29 -8.06 20.77 -10.03
N HIS D 30 -8.10 19.54 -10.61
CA HIS D 30 -7.90 19.48 -12.06
C HIS D 30 -8.99 20.26 -12.83
N HIS D 31 -10.26 19.96 -12.59
CA HIS D 31 -11.37 20.64 -13.28
C HIS D 31 -11.30 22.17 -13.01
N ASN D 32 -11.08 22.51 -11.76
CA ASN D 32 -11.00 23.90 -11.41
C ASN D 32 -9.94 24.65 -12.19
N THR D 33 -8.76 24.05 -12.29
CA THR D 33 -7.63 24.65 -13.03
C THR D 33 -7.98 24.99 -14.49
N TYR D 34 -8.72 24.08 -15.12
CA TYR D 34 -9.13 24.30 -16.54
C TYR D 34 -10.04 25.56 -16.64
N VAL D 35 -10.92 25.72 -15.66
CA VAL D 35 -11.83 26.88 -15.63
C VAL D 35 -10.98 28.12 -15.39
N VAL D 36 -10.13 28.15 -14.37
CA VAL D 36 -9.37 29.36 -14.16
C VAL D 36 -8.43 29.62 -15.38
N LYS D 37 -7.95 28.60 -16.07
CA LYS D 37 -7.04 28.90 -17.17
C LYS D 37 -7.82 29.47 -18.34
N LEU D 38 -9.02 28.92 -18.58
CA LEU D 38 -9.78 29.49 -19.67
C LEU D 38 -10.16 30.91 -19.30
N ASN D 39 -10.50 31.14 -18.05
CA ASN D 39 -10.91 32.48 -17.64
C ASN D 39 -9.77 33.52 -17.84
N GLY D 40 -8.53 33.09 -17.66
CA GLY D 40 -7.43 34.00 -17.83
C GLY D 40 -7.00 34.11 -19.28
N LEU D 41 -7.55 33.26 -20.15
CA LEU D 41 -7.17 33.31 -21.58
C LEU D 41 -8.12 34.06 -22.46
N ILE D 42 -9.42 34.08 -22.13
CA ILE D 42 -10.39 34.75 -22.99
C ILE D 42 -10.59 36.27 -22.81
N PRO D 43 -10.31 36.84 -21.62
CA PRO D 43 -10.56 38.30 -21.54
C PRO D 43 -10.09 39.07 -22.78
N GLY D 44 -10.96 39.94 -23.31
CA GLY D 44 -10.59 40.69 -24.50
C GLY D 44 -10.17 39.84 -25.71
N THR D 45 -11.03 38.87 -26.05
CA THR D 45 -10.79 37.99 -27.21
C THR D 45 -12.18 37.73 -27.81
N LYS D 46 -12.23 37.12 -29.00
CA LYS D 46 -13.51 36.81 -29.67
C LYS D 46 -14.31 35.77 -28.92
N PHE D 47 -13.69 35.22 -27.88
CA PHE D 47 -14.31 34.19 -27.07
C PHE D 47 -14.97 34.69 -25.81
N GLU D 48 -14.62 35.89 -25.35
CA GLU D 48 -15.15 36.35 -24.08
C GLU D 48 -16.65 36.44 -24.01
N ASN D 49 -17.23 36.58 -25.18
CA ASN D 49 -18.64 36.73 -25.36
C ASN D 49 -19.33 35.37 -25.49
N LYS D 50 -18.55 34.34 -25.77
CA LYS D 50 -19.22 33.07 -26.07
C LYS D 50 -19.52 32.04 -25.00
N SER D 51 -20.42 31.12 -25.37
CA SER D 51 -20.86 29.95 -24.56
C SER D 51 -19.67 28.98 -24.50
N LEU D 52 -19.62 28.12 -23.48
CA LEU D 52 -18.52 27.13 -23.43
C LEU D 52 -18.52 26.31 -24.73
N GLU D 53 -19.70 25.78 -25.12
CA GLU D 53 -19.72 24.98 -26.35
C GLU D 53 -19.34 25.83 -27.56
N GLU D 54 -19.74 27.10 -27.56
CA GLU D 54 -19.35 27.88 -28.75
C GLU D 54 -17.81 27.95 -28.78
N ILE D 55 -17.16 28.09 -27.63
CA ILE D 55 -15.69 28.17 -27.67
C ILE D 55 -15.12 26.82 -28.09
N VAL D 56 -15.60 25.75 -27.45
CA VAL D 56 -15.06 24.47 -27.79
C VAL D 56 -15.13 24.21 -29.28
N CYS D 57 -16.28 24.49 -29.89
CA CYS D 57 -16.41 24.26 -31.33
C CYS D 57 -15.73 25.28 -32.20
N SER D 58 -15.27 26.38 -31.63
CA SER D 58 -14.64 27.37 -32.48
C SER D 58 -13.20 27.73 -32.12
N SER D 59 -12.55 26.92 -31.27
CA SER D 59 -11.17 27.24 -30.86
C SER D 59 -10.16 26.11 -31.02
N ASP D 60 -8.89 26.46 -30.87
CA ASP D 60 -7.78 25.48 -30.93
C ASP D 60 -6.73 25.94 -29.90
N GLY D 61 -5.54 25.35 -29.90
CA GLY D 61 -4.48 25.76 -29.00
C GLY D 61 -4.89 25.63 -27.56
N GLY D 62 -4.37 26.48 -26.70
CA GLY D 62 -4.73 26.39 -25.28
C GLY D 62 -6.17 26.72 -24.95
N VAL D 63 -6.81 27.60 -25.74
CA VAL D 63 -8.19 27.93 -25.45
C VAL D 63 -8.94 26.61 -25.62
N PHE D 64 -8.71 25.90 -26.72
CA PHE D 64 -9.40 24.59 -26.95
C PHE D 64 -9.10 23.54 -25.83
N ASN D 65 -7.81 23.34 -25.54
CA ASN D 65 -7.43 22.41 -24.48
C ASN D 65 -8.17 22.69 -23.21
N ASN D 66 -8.20 23.96 -22.84
CA ASN D 66 -8.87 24.28 -21.59
C ASN D 66 -10.45 24.19 -21.68
N ALA D 67 -11.05 24.77 -22.73
CA ALA D 67 -12.52 24.79 -22.90
C ALA D 67 -13.11 23.37 -22.96
N ALA D 68 -12.51 22.54 -23.86
CA ALA D 68 -12.89 21.13 -24.08
C ALA D 68 -12.73 20.40 -22.78
N GLN D 69 -11.68 20.70 -22.05
CA GLN D 69 -11.49 19.99 -20.78
C GLN D 69 -12.56 20.33 -19.74
N ILE D 70 -12.96 21.60 -19.64
CA ILE D 70 -14.03 21.96 -18.70
C ILE D 70 -15.31 21.19 -19.13
N TRP D 71 -15.57 21.17 -20.43
CA TRP D 71 -16.76 20.49 -20.95
C TRP D 71 -16.70 18.96 -20.73
N ASN D 72 -15.58 18.34 -21.05
CA ASN D 72 -15.39 16.89 -20.88
C ASN D 72 -15.63 16.46 -19.42
N HIS D 73 -14.94 17.11 -18.48
CA HIS D 73 -15.12 16.80 -17.05
C HIS D 73 -16.56 16.98 -16.59
N THR D 74 -17.21 18.05 -17.02
CA THR D 74 -18.59 18.24 -16.60
C THR D 74 -19.43 17.06 -17.06
N PHE D 75 -19.20 16.67 -18.34
CA PHE D 75 -19.92 15.56 -18.96
C PHE D 75 -19.58 14.28 -18.18
N TYR D 76 -18.34 14.19 -17.74
CA TYR D 76 -17.89 13.00 -17.00
C TYR D 76 -18.55 12.92 -15.61
N TRP D 77 -18.61 14.04 -14.90
CA TRP D 77 -19.25 13.89 -13.57
C TRP D 77 -20.72 13.44 -13.78
N ASN D 78 -21.36 13.86 -14.88
CA ASN D 78 -22.78 13.51 -15.10
C ASN D 78 -22.89 12.05 -15.51
N SER D 79 -21.82 11.49 -16.08
CA SER D 79 -21.82 10.07 -16.47
C SER D 79 -21.75 9.04 -15.29
N LEU D 80 -21.58 9.52 -14.06
CA LEU D 80 -21.46 8.71 -12.84
C LEU D 80 -22.60 9.17 -11.94
N SER D 81 -22.93 8.31 -11.01
CA SER D 81 -23.99 8.62 -10.05
C SER D 81 -23.94 7.65 -8.87
N PRO D 82 -24.34 8.11 -7.66
CA PRO D 82 -24.32 7.17 -6.51
C PRO D 82 -25.45 6.16 -6.75
N ASN D 83 -26.33 6.43 -7.71
CA ASN D 83 -27.41 5.51 -7.96
C ASN D 83 -27.37 4.90 -9.38
N GLY D 84 -26.22 4.94 -10.03
CA GLY D 84 -26.18 4.36 -11.36
C GLY D 84 -25.64 2.94 -11.20
N GLY D 85 -24.93 2.49 -12.22
CA GLY D 85 -24.38 1.14 -12.13
C GLY D 85 -25.39 0.08 -12.55
N GLY D 86 -24.94 -1.15 -12.65
CA GLY D 86 -25.83 -2.20 -13.06
C GLY D 86 -26.19 -2.10 -14.52
N ALA D 87 -27.25 -2.81 -14.86
CA ALA D 87 -27.76 -2.96 -16.24
C ALA D 87 -28.35 -1.74 -16.82
N PRO D 88 -28.14 -1.51 -18.12
CA PRO D 88 -28.75 -0.33 -18.73
C PRO D 88 -30.30 -0.52 -18.73
N THR D 89 -30.99 0.60 -18.89
CA THR D 89 -32.45 0.58 -18.91
C THR D 89 -32.99 1.43 -20.04
N GLY D 90 -34.29 1.30 -20.28
CA GLY D 90 -34.86 2.18 -21.28
C GLY D 90 -34.23 2.20 -22.65
N ALA D 91 -34.41 3.33 -23.37
CA ALA D 91 -33.94 3.39 -24.74
C ALA D 91 -32.50 2.99 -24.96
N VAL D 92 -31.59 3.44 -24.08
CA VAL D 92 -30.21 3.06 -24.26
C VAL D 92 -29.96 1.56 -24.08
N ALA D 93 -30.62 0.87 -23.16
CA ALA D 93 -30.44 -0.59 -23.01
C ALA D 93 -30.81 -1.27 -24.35
N ASP D 94 -31.95 -0.91 -24.95
CA ASP D 94 -32.30 -1.49 -26.24
C ASP D 94 -31.30 -1.09 -27.31
N ALA D 95 -30.86 0.17 -27.32
CA ALA D 95 -29.88 0.58 -28.35
C ALA D 95 -28.54 -0.20 -28.24
N ILE D 96 -28.14 -0.47 -27.03
CA ILE D 96 -26.92 -1.28 -26.79
C ILE D 96 -27.23 -2.69 -27.39
N ASN D 97 -28.40 -3.26 -27.08
CA ASN D 97 -28.62 -4.65 -27.59
C ASN D 97 -28.59 -4.62 -29.15
N ALA D 98 -29.10 -3.52 -29.70
CA ALA D 98 -29.19 -3.32 -31.14
C ALA D 98 -27.85 -3.31 -31.76
N LYS D 99 -26.93 -2.67 -31.08
CA LYS D 99 -25.58 -2.55 -31.63
C LYS D 99 -24.66 -3.72 -31.34
N TRP D 100 -24.53 -4.13 -30.07
CA TRP D 100 -23.60 -5.21 -29.73
C TRP D 100 -24.21 -6.62 -29.49
N GLY D 101 -25.54 -6.73 -29.59
CA GLY D 101 -26.17 -8.04 -29.36
C GLY D 101 -26.54 -8.20 -27.89
N SER D 102 -25.70 -7.62 -27.01
CA SER D 102 -25.94 -7.75 -25.58
C SER D 102 -25.17 -6.74 -24.77
N PHE D 103 -25.62 -6.51 -23.55
CA PHE D 103 -24.95 -5.55 -22.69
C PHE D 103 -23.52 -5.99 -22.38
N ASP D 104 -23.36 -7.33 -22.17
CA ASP D 104 -22.07 -7.97 -21.87
C ASP D 104 -21.05 -7.76 -23.01
N ALA D 105 -21.47 -7.97 -24.27
CA ALA D 105 -20.61 -7.73 -25.43
C ALA D 105 -20.22 -6.21 -25.49
N PHE D 106 -21.14 -5.33 -25.18
CA PHE D 106 -20.85 -3.89 -25.17
C PHE D 106 -19.83 -3.56 -24.07
N LYS D 107 -20.01 -4.10 -22.85
CA LYS D 107 -19.06 -3.83 -21.78
C LYS D 107 -17.63 -4.25 -22.23
N GLU D 108 -17.54 -5.42 -22.87
CA GLU D 108 -16.27 -5.96 -23.31
C GLU D 108 -15.66 -5.06 -24.36
N ALA D 109 -16.52 -4.70 -25.31
CA ALA D 109 -16.02 -3.83 -26.34
C ALA D 109 -15.58 -2.43 -25.72
N LEU D 110 -16.30 -1.91 -24.70
CA LEU D 110 -15.91 -0.60 -24.17
C LEU D 110 -14.62 -0.68 -23.36
N ASN D 111 -14.53 -1.68 -22.49
CA ASN D 111 -13.34 -1.91 -21.70
C ASN D 111 -12.14 -2.04 -22.63
N ASP D 112 -12.36 -2.72 -23.74
CA ASP D 112 -11.24 -2.94 -24.58
C ASP D 112 -10.75 -1.65 -25.19
N LYS D 113 -11.71 -0.82 -25.63
CA LYS D 113 -11.33 0.45 -26.20
C LYS D 113 -10.66 1.32 -25.16
N ALA D 114 -11.14 1.23 -23.90
CA ALA D 114 -10.63 2.11 -22.84
C ALA D 114 -9.25 1.64 -22.41
N VAL D 115 -9.04 0.31 -22.20
CA VAL D 115 -7.73 -0.12 -21.74
C VAL D 115 -6.64 0.15 -22.78
N ASN D 116 -6.97 0.09 -24.05
CA ASN D 116 -5.95 0.38 -25.05
C ASN D 116 -5.91 1.85 -25.57
N ASN D 117 -6.63 2.76 -24.92
CA ASN D 117 -6.66 4.17 -25.38
C ASN D 117 -5.34 4.71 -24.77
N PHE D 118 -4.28 4.78 -25.61
CA PHE D 118 -2.94 5.16 -25.17
C PHE D 118 -2.74 6.63 -24.73
N GLY D 119 -2.15 6.85 -23.54
CA GLY D 119 -1.92 8.22 -23.09
C GLY D 119 -3.15 8.88 -22.41
N SER D 120 -3.11 10.18 -22.20
CA SER D 120 -4.22 10.90 -21.55
C SER D 120 -5.35 10.83 -22.58
N SER D 121 -6.53 10.37 -22.16
CA SER D 121 -7.56 10.16 -23.21
C SER D 121 -8.92 9.98 -22.58
N TRP D 122 -9.91 9.87 -23.45
CA TRP D 122 -11.29 9.70 -23.09
C TRP D 122 -11.91 8.67 -23.98
N THR D 123 -12.75 7.82 -23.40
CA THR D 123 -13.48 6.80 -24.17
C THR D 123 -14.96 7.15 -24.05
N TRP D 124 -15.57 7.35 -25.19
CA TRP D 124 -16.97 7.77 -25.28
C TRP D 124 -18.00 6.76 -25.80
N LEU D 125 -19.20 6.81 -25.20
CA LEU D 125 -20.31 6.07 -25.80
C LEU D 125 -20.97 7.26 -26.54
N VAL D 126 -21.22 7.14 -27.84
CA VAL D 126 -21.85 8.24 -28.64
C VAL D 126 -23.00 7.68 -29.55
N LYS D 127 -23.87 8.56 -30.00
CA LYS D 127 -24.97 8.17 -30.92
C LYS D 127 -24.57 8.83 -32.22
N LEU D 128 -24.39 7.98 -33.22
CA LEU D 128 -23.98 8.31 -34.57
C LEU D 128 -25.11 8.97 -35.40
N ALA D 129 -24.74 9.62 -36.48
CA ALA D 129 -25.78 10.29 -37.28
C ALA D 129 -26.82 9.29 -37.77
N ASP D 130 -26.41 8.06 -38.04
CA ASP D 130 -27.34 7.03 -38.49
C ASP D 130 -28.29 6.54 -37.41
N GLY D 131 -28.18 7.05 -36.15
CA GLY D 131 -29.10 6.57 -35.10
C GLY D 131 -28.53 5.50 -34.14
N SER D 132 -27.42 4.90 -34.54
CA SER D 132 -26.85 3.84 -33.72
C SER D 132 -25.80 4.34 -32.71
N LEU D 133 -25.58 3.52 -31.69
CA LEU D 133 -24.54 3.79 -30.72
C LEU D 133 -23.22 3.27 -31.25
N ASP D 134 -22.14 3.88 -30.77
CA ASP D 134 -20.83 3.42 -31.07
C ASP D 134 -19.92 3.80 -29.91
N ILE D 135 -18.72 3.23 -29.86
CA ILE D 135 -17.81 3.60 -28.81
C ILE D 135 -16.66 4.33 -29.49
N VAL D 136 -16.30 5.51 -29.03
CA VAL D 136 -15.13 6.17 -29.64
C VAL D 136 -14.14 6.68 -28.62
N ASN D 137 -12.89 6.76 -29.06
CA ASN D 137 -11.76 7.25 -28.29
C ASN D 137 -11.21 8.58 -28.72
N THR D 138 -10.93 9.43 -27.72
CA THR D 138 -10.27 10.67 -28.08
C THR D 138 -9.07 10.84 -27.17
N SER D 139 -8.06 11.55 -27.69
CA SER D 139 -6.82 11.91 -26.99
C SER D 139 -6.85 13.34 -26.39
N ASN D 140 -6.20 13.46 -25.25
CA ASN D 140 -6.06 14.73 -24.54
C ASN D 140 -7.30 15.51 -24.28
N ALA D 141 -7.58 16.59 -25.03
CA ALA D 141 -8.84 17.33 -24.76
C ALA D 141 -9.89 17.11 -25.88
N ALA D 142 -9.51 16.34 -26.88
CA ALA D 142 -10.40 16.11 -28.03
C ALA D 142 -11.73 15.54 -27.57
N THR D 143 -12.77 15.92 -28.28
CA THR D 143 -14.06 15.42 -27.83
C THR D 143 -14.99 15.23 -29.00
N PRO D 144 -15.99 14.31 -28.89
CA PRO D 144 -16.88 14.15 -30.04
C PRO D 144 -17.85 15.32 -30.06
N LEU D 145 -17.82 16.17 -29.03
CA LEU D 145 -18.72 17.33 -29.03
C LEU D 145 -18.51 18.12 -30.39
N THR D 146 -17.28 18.11 -30.89
CA THR D 146 -16.97 18.82 -32.13
C THR D 146 -17.21 18.04 -33.42
N ASP D 147 -17.71 16.79 -33.35
CA ASP D 147 -17.97 16.03 -34.58
C ASP D 147 -19.42 16.14 -35.09
N ASP D 148 -19.58 16.52 -36.36
CA ASP D 148 -20.92 16.65 -36.95
C ASP D 148 -21.79 15.41 -36.82
N GLY D 149 -23.01 15.60 -36.35
CA GLY D 149 -23.90 14.46 -36.21
C GLY D 149 -23.50 13.37 -35.21
N VAL D 150 -22.53 13.62 -34.34
CA VAL D 150 -22.20 12.59 -33.37
C VAL D 150 -22.66 13.20 -32.06
N THR D 151 -23.52 12.52 -31.33
CA THR D 151 -24.04 13.00 -30.02
C THR D 151 -23.40 12.25 -28.85
N PRO D 152 -22.70 12.97 -27.92
CA PRO D 152 -22.05 12.37 -26.75
C PRO D 152 -23.14 11.85 -25.81
N ILE D 153 -22.98 10.60 -25.42
CA ILE D 153 -24.00 9.96 -24.56
C ILE D 153 -23.39 9.76 -23.15
N LEU D 154 -22.14 9.27 -23.08
CA LEU D 154 -21.46 9.00 -21.83
C LEU D 154 -19.92 9.01 -22.05
N THR D 155 -19.10 9.38 -21.03
CA THR D 155 -17.66 9.30 -21.15
C THR D 155 -17.05 8.68 -19.91
N VAL D 156 -15.87 8.08 -20.11
CA VAL D 156 -15.03 7.65 -19.04
C VAL D 156 -13.66 8.35 -19.30
N ASP D 157 -13.22 9.13 -18.32
CA ASP D 157 -11.93 9.85 -18.33
C ASP D 157 -10.89 8.79 -18.10
N LEU D 158 -9.88 8.78 -18.99
CA LEU D 158 -8.78 7.84 -18.87
C LEU D 158 -7.40 8.56 -18.65
N TRP D 159 -7.40 9.90 -18.48
CA TRP D 159 -6.15 10.56 -18.06
C TRP D 159 -5.86 9.83 -16.68
N GLU D 160 -4.55 9.64 -16.33
CA GLU D 160 -4.23 8.88 -15.08
C GLU D 160 -4.68 9.51 -13.79
N HIS D 161 -4.92 10.82 -13.77
CA HIS D 161 -5.39 11.48 -12.57
C HIS D 161 -6.82 11.07 -12.19
N ALA D 162 -7.55 10.50 -13.15
CA ALA D 162 -8.92 10.07 -12.91
C ALA D 162 -8.92 8.80 -12.05
N TYR D 163 -7.83 8.02 -12.11
CA TYR D 163 -7.86 6.82 -11.36
C TYR D 163 -6.65 6.48 -10.59
N TYR D 164 -5.54 7.17 -10.69
CA TYR D 164 -4.30 6.76 -10.07
C TYR D 164 -4.33 6.63 -8.56
N ILE D 165 -5.03 7.52 -7.88
CA ILE D 165 -5.08 7.47 -6.41
C ILE D 165 -5.73 6.17 -5.97
N ASP D 166 -6.85 5.75 -6.62
CA ASP D 166 -7.60 4.54 -6.21
C ASP D 166 -7.17 3.21 -6.81
N TYR D 167 -6.63 3.28 -8.01
CA TYR D 167 -6.34 2.08 -8.73
C TYR D 167 -4.89 2.02 -9.28
N ARG D 168 -4.10 3.07 -9.08
CA ARG D 168 -2.74 3.08 -9.59
C ARG D 168 -2.74 2.80 -11.10
N ASN D 169 -1.92 1.85 -11.50
CA ASN D 169 -1.82 1.54 -12.93
C ASN D 169 -2.91 0.60 -13.45
N VAL D 170 -3.74 -0.01 -12.60
CA VAL D 170 -4.74 -1.03 -13.10
C VAL D 170 -6.07 -0.50 -13.72
N ARG D 171 -6.04 -0.13 -15.01
CA ARG D 171 -7.20 0.41 -15.65
C ARG D 171 -8.40 -0.52 -15.57
N PRO D 172 -8.22 -1.86 -15.74
CA PRO D 172 -9.48 -2.66 -15.64
C PRO D 172 -10.20 -2.52 -14.27
N ASP D 173 -9.45 -2.20 -13.19
CA ASP D 173 -10.12 -2.12 -11.90
C ASP D 173 -10.87 -0.82 -11.87
N TYR D 174 -10.26 0.19 -12.43
CA TYR D 174 -10.94 1.48 -12.50
C TYR D 174 -12.21 1.27 -13.36
N LEU D 175 -12.10 0.47 -14.43
CA LEU D 175 -13.29 0.24 -15.31
C LEU D 175 -14.43 -0.49 -14.57
N LYS D 176 -14.10 -1.38 -13.62
CA LYS D 176 -15.18 -2.05 -12.85
C LYS D 176 -15.88 -0.95 -11.98
N GLY D 177 -15.08 -0.05 -11.42
CA GLY D 177 -15.66 1.03 -10.65
C GLY D 177 -16.63 1.82 -11.54
N PHE D 178 -16.21 2.21 -12.73
CA PHE D 178 -17.09 2.97 -13.63
C PHE D 178 -18.47 2.29 -13.91
N TRP D 179 -18.44 0.95 -14.13
CA TRP D 179 -19.66 0.14 -14.42
C TRP D 179 -20.59 0.16 -13.20
N SER D 180 -20.04 0.25 -11.98
CA SER D 180 -20.91 0.31 -10.80
C SER D 180 -21.56 1.69 -10.60
N LEU D 181 -21.00 2.68 -11.31
CA LEU D 181 -21.40 4.07 -11.27
C LEU D 181 -22.08 4.58 -12.52
N VAL D 182 -22.02 3.84 -13.62
CA VAL D 182 -22.50 4.44 -14.84
C VAL D 182 -23.95 4.98 -14.72
N ASN D 183 -24.12 6.23 -15.15
CA ASN D 183 -25.42 6.93 -15.02
C ASN D 183 -26.29 6.70 -16.24
N TRP D 184 -27.12 5.66 -16.16
CA TRP D 184 -27.98 5.38 -17.31
C TRP D 184 -29.00 6.47 -17.49
N GLU D 185 -29.46 7.09 -16.42
CA GLU D 185 -30.39 8.17 -16.59
C GLU D 185 -29.84 9.33 -17.49
N PHE D 186 -28.60 9.80 -17.28
CA PHE D 186 -27.95 10.85 -18.12
C PHE D 186 -27.79 10.27 -19.49
N ALA D 187 -27.45 8.96 -19.56
CA ALA D 187 -27.24 8.32 -20.89
C ALA D 187 -28.55 8.39 -21.71
N ASN D 188 -29.64 7.96 -21.10
CA ASN D 188 -30.96 8.01 -21.75
C ASN D 188 -31.37 9.45 -22.06
N ALA D 189 -31.16 10.35 -21.12
CA ALA D 189 -31.48 11.76 -21.40
C ALA D 189 -30.82 12.28 -22.69
N ASN D 190 -29.51 11.97 -22.83
CA ASN D 190 -28.65 12.37 -23.94
C ASN D 190 -29.07 11.70 -25.23
N PHE D 191 -29.46 10.43 -25.09
CA PHE D 191 -29.88 9.58 -26.21
C PHE D 191 -31.20 10.08 -26.81
N ALA D 192 -32.10 10.52 -25.91
CA ALA D 192 -33.43 11.03 -26.31
C ALA D 192 -33.54 12.53 -26.64
C1 GLC E . 0.83 -19.52 9.73
C2 GLC E . 1.58 -19.32 8.42
C3 GLC E . 1.14 -20.34 7.39
C4 GLC E . 1.33 -21.73 7.96
C5 GLC E . 0.59 -21.84 9.29
C6 GLC E . 0.75 -23.24 9.82
O2 GLC E . 1.34 -18.00 7.90
O3 GLC E . 1.98 -20.20 6.22
O4 GLC E . 0.86 -22.71 7.03
O5 GLC E . 1.06 -20.85 10.23
O6 GLC E . 2.12 -23.63 9.78
C1 GLC E . -1.32 -19.26 10.73
C2 GLC E . -2.79 -19.45 10.38
C3 GLC E . -3.26 -18.28 9.53
C4 GLC E . -3.05 -16.99 10.32
C5 GLC E . -1.57 -16.89 10.65
C6 GLC E . -1.22 -15.62 11.41
O1 GLC E . -0.56 -19.25 9.52
O2 GLC E . -2.94 -20.68 9.65
O3 GLC E . -4.66 -18.43 9.24
O4 GLC E . -3.51 -15.88 9.53
O5 GLC E . -1.18 -18.02 11.44
O6 GLC E . 0.18 -15.64 11.68
C1 GLC F . -0.38 22.86 -26.18
C2 GLC F . -1.20 23.27 -27.38
C3 GLC F . -0.74 24.64 -27.86
C4 GLC F . -0.90 25.60 -26.69
C5 GLC F . -0.06 25.10 -25.52
C6 GLC F . -0.09 26.11 -24.38
O2 GLC F . -1.08 22.30 -28.43
O3 GLC F . -1.55 25.09 -28.96
O4 GLC F . -0.49 26.92 -27.09
O5 GLC F . -0.55 23.81 -25.11
O6 GLC F . -1.43 26.43 -24.01
C1 GLC F . 1.76 22.32 -25.38
C2 GLC F . 3.26 22.56 -25.57
C3 GLC F . 3.81 21.71 -26.71
C4 GLC F . 3.47 20.25 -26.47
C5 GLC F . 1.97 20.10 -26.26
C6 GLC F . 1.59 18.64 -25.99
O1 GLC F . 1.02 22.76 -26.53
O2 GLC F . 3.49 23.95 -25.82
O3 GLC F . 5.24 21.81 -26.73
O4 GLC F . 3.87 19.49 -27.64
O5 GLC F . 1.53 20.92 -25.16
O6 GLC F . 0.16 18.54 -25.90
C1 GLC G . 3.05 0.03 13.52
C2 GLC G . 2.39 0.53 12.23
C3 GLC G . 2.90 1.93 11.92
C4 GLC G . 2.50 2.81 13.09
C5 GLC G . 3.18 2.25 14.34
C6 GLC G . 2.89 3.14 15.54
O2 GLC G . 2.72 -0.35 11.14
O3 GLC G . 2.29 2.43 10.73
O4 GLC G . 2.93 4.15 12.82
O5 GLC G . 2.72 0.92 14.60
O6 GLC G . 1.47 3.28 15.72
C1 GLC G . 5.11 -0.57 14.55
C2 GLC G . 6.61 -0.33 14.44
C3 GLC G . 7.20 -1.11 13.28
C4 GLC G . 6.85 -2.58 13.43
C5 GLC G . 5.34 -2.72 13.57
C6 GLC G . 5.02 -4.20 13.79
O1 GLC G . 4.46 -0.08 13.36
O2 GLC G . 6.86 1.05 14.18
O3 GLC G . 8.63 -0.91 13.33
O4 GLC G . 7.30 -3.35 12.30
O5 GLC G . 4.87 -1.98 14.71
O6 GLC G . 3.61 -4.34 13.94
C1 GLC H . -2.84 3.25 -30.20
C2 GLC H . -2.02 3.32 -31.49
C3 GLC H . -2.51 2.23 -32.45
C4 GLC H . -2.42 0.88 -31.76
C5 GLC H . -3.15 0.93 -30.42
C6 GLC H . -2.95 -0.38 -29.69
O2 GLC H . -2.16 4.59 -32.14
O3 GLC H . -1.66 2.23 -33.59
O4 GLC H . -3.06 -0.07 -32.62
O5 GLC H . -2.60 1.97 -29.59
O6 GLC H . -1.55 -0.57 -29.47
C1 GLC H . -4.98 3.47 -29.22
C2 GLC H . -6.48 3.31 -29.48
C3 GLC H . -7.03 4.54 -30.18
C4 GLC H . -6.66 5.79 -29.42
C5 GLC H . -5.15 5.86 -29.25
C6 GLC H . -4.79 7.11 -28.47
O1 GLC H . -4.24 3.43 -30.46
O2 GLC H . -6.69 2.17 -30.33
O3 GLC H . -8.46 4.44 -30.29
O4 GLC H . -7.15 6.95 -30.14
O5 GLC H . -4.73 4.70 -28.51
O6 GLC H . -3.41 7.07 -28.08
FE FE2 I . -6.69 -8.25 23.69
FE FE2 J . 6.52 6.92 -17.33
FE FE2 K . 9.61 -15.73 23.01
FE FE2 L . -9.75 14.38 -15.71
#